data_1MPW
#
_entry.id   1MPW
#
_cell.length_a   66.903
_cell.length_b   62.517
_cell.length_c   95.698
_cell.angle_alpha   90.00
_cell.angle_beta   90.28
_cell.angle_gamma   90.00
#
_symmetry.space_group_name_H-M   'P 1 21 1'
#
loop_
_entity.id
_entity.type
_entity.pdbx_description
1 polymer 'CYTOCHROME P450CAM'
2 non-polymer 'POTASSIUM ION'
3 non-polymer 'PROTOPORPHYRIN IX CONTAINING FE'
4 non-polymer (+)-alpha-Pinene
5 water water
#
_entity_poly.entity_id   1
_entity_poly.type   'polypeptide(L)'
_entity_poly.pdbx_seq_one_letter_code
;TTETIQSNANLAPLPPHVPEHLVFDFDMYNPSNLSAGVQEAWAVLQESNVPDLVWTRCNGGHWIATRGQLIREAYEDYRH
FSSECPWIPREAGEAFDFIPTSMDPPEQRQFRALANQVVGMPVVDKLENRIQELACSLIESLRPQGQCNFTEDYAEPFPI
RIFMLLAGLPEEDIPHLKYLTDQMTRPDGSMTFAEAKEALYDYLIPIIEQRRQKPGTDAISIVANGQVNGRPITSDEAKR
MCGLLLLGGLDTVVNFLSFSMEFLAKSPEHRQELIERPERIPAACEELLRRFSLVADGRILTSDYEFHGVQLKKGDQILL
PQMLSGLDERENAAPMHVDFSRQKVSHTTFGHGSHLCLGQHLARREIIVTLKEWLTRIPDFSIAPGAQIQHKSGIVSGVQ
ALPLVWDPATTKAV
;
_entity_poly.pdbx_strand_id   A,B
#
# COMPACT_ATOMS: atom_id res chain seq x y z
N ASN A 10 13.63 54.54 2.35
CA ASN A 10 14.74 53.81 1.66
C ASN A 10 15.64 53.08 2.67
N LEU A 11 16.47 53.85 3.38
CA LEU A 11 17.43 53.35 4.38
C LEU A 11 17.15 53.85 5.82
N ALA A 12 17.30 52.97 6.82
CA ALA A 12 17.06 53.37 8.21
C ALA A 12 18.23 54.18 8.81
N PRO A 13 17.93 55.18 9.68
CA PRO A 13 19.02 55.95 10.26
C PRO A 13 19.95 55.05 11.05
N LEU A 14 21.24 55.18 10.77
CA LEU A 14 22.29 54.40 11.40
C LEU A 14 22.26 54.56 12.91
N PRO A 15 22.06 53.45 13.65
CA PRO A 15 22.05 53.60 15.11
C PRO A 15 23.40 54.15 15.58
N PRO A 16 23.39 54.93 16.67
CA PRO A 16 24.60 55.56 17.24
C PRO A 16 25.76 54.59 17.52
N HIS A 17 25.41 53.37 17.95
CA HIS A 17 26.41 52.36 18.30
C HIS A 17 27.00 51.58 17.13
N VAL A 18 26.49 51.79 15.91
CA VAL A 18 27.01 51.08 14.75
C VAL A 18 28.06 51.94 14.00
N PRO A 19 29.31 51.46 13.91
CA PRO A 19 30.37 52.20 13.20
C PRO A 19 30.08 52.58 11.73
N GLU A 20 30.24 53.86 11.41
CA GLU A 20 30.02 54.35 10.05
C GLU A 20 30.81 53.56 9.00
N HIS A 21 32.05 53.15 9.31
CA HIS A 21 32.85 52.38 8.34
C HIS A 21 32.40 50.92 8.16
N LEU A 22 31.48 50.45 8.99
CA LEU A 22 31.01 49.07 8.81
C LEU A 22 29.73 49.00 8.00
N VAL A 23 29.13 50.16 7.71
CA VAL A 23 27.92 50.20 6.90
C VAL A 23 28.16 49.69 5.47
N PHE A 24 27.19 48.89 5.00
CA PHE A 24 27.19 48.30 3.67
C PHE A 24 25.73 47.92 3.48
N ASP A 25 25.00 48.77 2.79
CA ASP A 25 23.58 48.57 2.60
C ASP A 25 23.14 47.45 1.62
N PHE A 26 23.30 46.21 2.05
CA PHE A 26 22.86 45.09 1.26
C PHE A 26 21.35 44.98 1.54
N ASP A 27 20.59 44.69 0.50
CA ASP A 27 19.14 44.50 0.62
C ASP A 27 18.87 43.03 0.35
N MET A 28 18.54 42.26 1.38
CA MET A 28 18.30 40.85 1.19
C MET A 28 17.08 40.48 0.29
N TYR A 29 16.14 41.39 0.06
CA TYR A 29 15.02 41.00 -0.80
C TYR A 29 15.13 41.56 -2.23
N ASN A 30 16.24 42.19 -2.54
CA ASN A 30 16.42 42.78 -3.85
C ASN A 30 17.89 43.22 -3.93
N PRO A 31 18.82 42.25 -3.90
CA PRO A 31 20.22 42.65 -3.98
C PRO A 31 20.59 43.28 -5.32
N SER A 32 21.45 44.29 -5.25
CA SER A 32 21.96 45.03 -6.42
C SER A 32 22.35 44.16 -7.59
N ASN A 33 23.09 43.10 -7.31
CA ASN A 33 23.58 42.26 -8.37
C ASN A 33 22.66 41.12 -8.86
N LEU A 34 21.38 41.16 -8.51
CA LEU A 34 20.46 40.10 -8.93
C LEU A 34 20.58 39.62 -10.37
N SER A 35 20.72 40.55 -11.29
CA SER A 35 20.88 40.17 -12.69
C SER A 35 22.01 39.13 -12.92
N ALA A 36 23.13 39.25 -12.20
CA ALA A 36 24.24 38.30 -12.38
C ALA A 36 23.95 36.94 -11.73
N GLY A 37 22.93 36.89 -10.90
CA GLY A 37 22.61 35.61 -10.29
C GLY A 37 22.50 35.78 -8.80
N VAL A 38 21.45 35.22 -8.19
CA VAL A 38 21.32 35.41 -6.76
C VAL A 38 22.54 34.98 -5.92
N GLN A 39 23.11 33.80 -6.15
CA GLN A 39 24.28 33.47 -5.34
C GLN A 39 25.36 34.51 -5.62
N GLU A 40 25.53 34.93 -6.87
CA GLU A 40 26.53 35.96 -7.16
C GLU A 40 26.18 37.28 -6.47
N ALA A 41 24.91 37.66 -6.42
CA ALA A 41 24.54 38.92 -5.78
C ALA A 41 24.90 38.97 -4.30
N TRP A 42 24.81 37.84 -3.61
CA TRP A 42 25.15 37.84 -2.20
C TRP A 42 26.66 37.77 -2.05
N ALA A 43 27.32 37.10 -3.01
CA ALA A 43 28.78 36.97 -3.05
C ALA A 43 29.48 38.34 -3.07
N VAL A 44 28.77 39.35 -3.53
CA VAL A 44 29.30 40.70 -3.53
C VAL A 44 29.76 41.08 -2.08
N LEU A 45 29.13 40.49 -1.07
CA LEU A 45 29.52 40.73 0.33
C LEU A 45 30.87 40.09 0.70
N GLN A 46 31.43 39.27 -0.19
CA GLN A 46 32.72 38.65 0.12
C GLN A 46 33.84 39.26 -0.75
N GLU A 47 33.56 40.44 -1.32
CA GLU A 47 34.56 41.12 -2.12
C GLU A 47 35.73 41.69 -1.26
N SER A 48 36.88 41.81 -1.90
CA SER A 48 38.11 42.32 -1.30
C SER A 48 38.05 43.26 -0.11
N ASN A 49 37.29 44.32 -0.18
CA ASN A 49 37.31 45.21 0.96
C ASN A 49 36.06 45.25 1.89
N VAL A 50 35.20 44.24 1.81
CA VAL A 50 34.03 44.18 2.67
C VAL A 50 34.53 43.38 3.88
N PRO A 51 34.26 43.88 5.10
CA PRO A 51 34.69 43.19 6.33
C PRO A 51 33.87 41.95 6.65
N ASP A 52 34.31 41.20 7.67
CA ASP A 52 33.65 40.00 8.14
C ASP A 52 32.23 40.23 8.69
N LEU A 53 31.98 41.44 9.19
CA LEU A 53 30.69 41.84 9.76
C LEU A 53 30.42 43.29 9.35
N VAL A 54 29.27 43.53 8.72
CA VAL A 54 28.87 44.85 8.26
C VAL A 54 27.45 45.14 8.77
N TRP A 55 27.00 46.39 8.62
CA TRP A 55 25.64 46.78 9.01
C TRP A 55 24.92 47.34 7.79
N THR A 56 23.74 46.81 7.46
CA THR A 56 22.98 47.34 6.33
C THR A 56 21.81 48.10 6.85
N ARG A 57 21.61 49.30 6.34
CA ARG A 57 20.50 50.09 6.78
C ARG A 57 19.23 49.65 6.10
N CYS A 58 19.28 48.61 5.27
CA CYS A 58 18.09 48.16 4.60
C CYS A 58 17.20 47.31 5.49
N ASN A 59 15.92 47.25 5.13
CA ASN A 59 14.95 46.44 5.87
C ASN A 59 14.91 46.74 7.35
N GLY A 60 15.23 47.96 7.74
CA GLY A 60 15.17 48.33 9.14
C GLY A 60 16.49 48.36 9.87
N GLY A 61 17.55 47.90 9.20
CA GLY A 61 18.86 47.86 9.83
C GLY A 61 19.20 46.55 10.57
N HIS A 62 20.32 45.93 10.19
CA HIS A 62 20.81 44.70 10.81
C HIS A 62 22.22 44.36 10.41
N TRP A 63 22.84 43.55 11.27
CA TRP A 63 24.18 43.09 11.04
C TRP A 63 24.11 41.99 9.98
N ILE A 64 25.22 41.76 9.31
CA ILE A 64 25.30 40.66 8.37
C ILE A 64 26.70 40.09 8.54
N ALA A 65 26.77 38.78 8.81
CA ALA A 65 28.06 38.07 8.96
C ALA A 65 28.32 37.58 7.55
N THR A 66 29.42 38.01 6.93
CA THR A 66 29.74 37.66 5.53
C THR A 66 30.63 36.46 5.34
N ARG A 67 31.26 35.96 6.40
CA ARG A 67 32.16 34.82 6.27
C ARG A 67 31.70 33.62 7.13
N GLY A 68 31.88 32.44 6.56
CA GLY A 68 31.54 31.18 7.21
C GLY A 68 32.10 31.03 8.60
N GLN A 69 33.33 31.49 8.84
CA GLN A 69 33.85 31.37 10.19
C GLN A 69 32.91 32.06 11.21
N LEU A 70 32.50 33.29 10.92
CA LEU A 70 31.60 34.02 11.85
C LEU A 70 30.22 33.43 11.85
N ILE A 71 29.78 32.98 10.66
CA ILE A 71 28.46 32.40 10.50
C ILE A 71 28.37 31.15 11.34
N ARG A 72 29.38 30.30 11.27
CA ARG A 72 29.35 29.06 12.04
C ARG A 72 29.37 29.36 13.53
N GLU A 73 30.27 30.26 13.94
CA GLU A 73 30.39 30.60 15.34
C GLU A 73 29.09 31.15 15.94
N ALA A 74 28.52 32.14 15.28
CA ALA A 74 27.28 32.73 15.74
C ALA A 74 26.18 31.67 15.89
N TYR A 75 26.08 30.71 14.95
CA TYR A 75 25.03 29.66 15.01
C TYR A 75 25.26 28.70 16.18
N GLU A 76 26.52 28.46 16.52
CA GLU A 76 26.88 27.57 17.64
C GLU A 76 26.64 28.24 18.99
N ASP A 77 26.72 29.58 19.03
CA ASP A 77 26.54 30.35 20.26
C ASP A 77 25.10 30.84 20.45
N TYR A 78 24.21 29.91 20.78
CA TYR A 78 22.80 30.26 20.98
C TYR A 78 22.57 31.15 22.22
N ARG A 79 23.49 31.16 23.17
CA ARG A 79 23.35 32.04 24.36
C ARG A 79 23.32 33.53 23.95
N HIS A 80 24.13 33.91 22.97
CA HIS A 80 24.18 35.29 22.48
C HIS A 80 23.31 35.61 21.27
N PHE A 81 23.17 34.62 20.39
CA PHE A 81 22.40 34.71 19.16
C PHE A 81 21.21 33.73 19.21
N SER A 82 20.11 34.19 19.80
CA SER A 82 18.86 33.42 19.96
C SER A 82 18.02 33.31 18.68
N SER A 83 17.32 32.20 18.51
CA SER A 83 16.44 31.98 17.34
C SER A 83 15.06 32.64 17.59
N GLU A 84 14.91 33.27 18.75
CA GLU A 84 13.66 33.92 19.12
C GLU A 84 13.09 34.79 18.03
N CYS A 85 13.91 35.66 17.45
CA CYS A 85 13.50 36.56 16.38
C CYS A 85 14.55 36.31 15.28
N PRO A 86 14.35 35.23 14.49
CA PRO A 86 15.18 34.73 13.38
C PRO A 86 14.90 35.27 11.99
N TRP A 87 13.78 35.95 11.84
CA TRP A 87 13.40 36.47 10.53
C TRP A 87 13.65 37.96 10.46
N ILE A 88 13.95 38.41 9.23
CA ILE A 88 14.15 39.82 8.93
C ILE A 88 13.05 40.12 7.88
N PRO A 89 12.37 41.29 7.95
CA PRO A 89 12.50 42.43 8.88
C PRO A 89 12.01 42.11 10.30
N ARG A 90 12.36 43.00 11.24
CA ARG A 90 11.98 42.81 12.64
C ARG A 90 10.53 42.39 12.92
N GLU A 91 9.55 43.08 12.34
CA GLU A 91 8.13 42.76 12.54
C GLU A 91 7.90 41.28 12.26
N ALA A 92 8.47 40.83 11.15
CA ALA A 92 8.36 39.43 10.74
C ALA A 92 9.02 38.53 11.80
N GLY A 93 10.23 38.87 12.22
CA GLY A 93 10.91 38.05 13.20
C GLY A 93 10.18 38.00 14.54
N GLU A 94 9.44 39.06 14.87
CA GLU A 94 8.68 39.08 16.09
C GLU A 94 7.43 38.17 15.98
N ALA A 95 6.83 38.11 14.82
CA ALA A 95 5.66 37.29 14.67
C ALA A 95 6.05 35.84 14.41
N PHE A 96 7.32 35.61 14.15
CA PHE A 96 7.75 34.24 13.83
C PHE A 96 7.75 33.40 15.09
N ASP A 97 6.70 32.63 15.33
CA ASP A 97 6.64 31.78 16.50
C ASP A 97 6.67 30.25 16.17
N PHE A 98 7.09 29.88 14.97
CA PHE A 98 7.13 28.47 14.60
C PHE A 98 7.94 27.67 15.58
N ILE A 99 7.51 26.42 15.74
CA ILE A 99 8.23 25.50 16.62
C ILE A 99 8.82 24.46 15.66
N PRO A 100 10.08 24.06 15.89
CA PRO A 100 10.95 24.51 16.99
C PRO A 100 11.97 25.55 16.64
N THR A 101 11.93 25.98 15.40
CA THR A 101 12.87 26.94 14.92
C THR A 101 12.94 28.24 15.72
N SER A 102 11.83 28.65 16.31
CA SER A 102 11.88 29.90 17.06
C SER A 102 12.31 29.73 18.52
N MET A 103 12.80 28.56 18.89
CA MET A 103 13.22 28.38 20.29
C MET A 103 14.70 27.99 20.38
N ASP A 104 15.34 28.31 21.50
CA ASP A 104 16.73 27.92 21.68
C ASP A 104 16.82 26.75 22.66
N PRO A 105 17.95 26.01 22.60
CA PRO A 105 18.10 24.93 23.55
C PRO A 105 18.13 25.70 24.88
N PRO A 106 17.76 25.06 25.98
CA PRO A 106 17.30 23.69 26.12
C PRO A 106 15.87 23.39 25.73
N GLU A 107 14.96 24.35 25.80
CA GLU A 107 13.56 24.06 25.50
C GLU A 107 13.25 23.58 24.10
N GLN A 108 14.13 23.84 23.16
CA GLN A 108 13.92 23.45 21.77
C GLN A 108 13.93 21.96 21.50
N ARG A 109 14.85 21.27 22.16
CA ARG A 109 15.05 19.86 21.89
C ARG A 109 13.84 18.99 21.97
N GLN A 110 13.13 19.03 23.09
CA GLN A 110 11.95 18.20 23.23
C GLN A 110 11.05 18.27 22.01
N PHE A 111 10.92 19.44 21.39
CA PHE A 111 10.06 19.55 20.21
C PHE A 111 10.78 19.10 18.94
N ARG A 112 12.07 19.45 18.83
CA ARG A 112 12.87 19.09 17.67
C ARG A 112 12.80 17.58 17.55
N ALA A 113 12.82 16.87 18.68
CA ALA A 113 12.75 15.42 18.62
C ALA A 113 11.43 14.97 18.01
N LEU A 114 10.34 15.59 18.42
CA LEU A 114 9.05 15.20 17.89
C LEU A 114 9.01 15.45 16.38
N ALA A 115 9.46 16.62 15.96
CA ALA A 115 9.50 16.90 14.55
C ALA A 115 10.43 15.90 13.82
N ASN A 116 11.55 15.53 14.45
CA ASN A 116 12.45 14.62 13.77
C ASN A 116 11.74 13.32 13.48
N GLN A 117 10.82 12.96 14.35
CA GLN A 117 10.05 11.76 14.13
C GLN A 117 9.19 11.76 12.87
N VAL A 118 8.70 12.91 12.43
CA VAL A 118 7.84 12.89 11.24
C VAL A 118 8.48 13.12 9.88
N VAL A 119 9.74 13.57 9.85
CA VAL A 119 10.43 13.81 8.58
C VAL A 119 11.85 13.21 8.54
N GLY A 120 12.25 12.52 9.59
CA GLY A 120 13.61 12.00 9.63
C GLY A 120 13.94 10.86 8.70
N MET A 121 15.21 10.47 8.69
CA MET A 121 15.67 9.37 7.84
C MET A 121 14.64 8.24 7.81
N PRO A 122 14.30 7.66 8.97
CA PRO A 122 13.32 6.56 9.00
C PRO A 122 12.08 6.79 8.12
N VAL A 123 11.44 7.95 8.28
CA VAL A 123 10.28 8.24 7.48
C VAL A 123 10.69 8.29 6.00
N VAL A 124 11.89 8.80 5.72
CA VAL A 124 12.32 8.89 4.31
C VAL A 124 12.57 7.53 3.65
N ASP A 125 13.11 6.55 4.38
CA ASP A 125 13.34 5.26 3.75
C ASP A 125 12.04 4.66 3.34
N LYS A 126 11.00 4.91 4.13
CA LYS A 126 9.66 4.41 3.78
C LYS A 126 9.32 5.02 2.42
N LEU A 127 9.23 6.34 2.40
CA LEU A 127 8.89 7.10 1.20
C LEU A 127 9.73 6.84 -0.05
N GLU A 128 10.87 6.18 0.09
CA GLU A 128 11.73 5.95 -1.07
C GLU A 128 11.05 5.57 -2.38
N ASN A 129 10.31 4.47 -2.39
CA ASN A 129 9.71 4.05 -3.65
C ASN A 129 8.66 5.03 -4.17
N ARG A 130 7.87 5.58 -3.26
CA ARG A 130 6.86 6.53 -3.64
C ARG A 130 7.53 7.72 -4.38
N ILE A 131 8.72 8.13 -3.94
CA ILE A 131 9.48 9.23 -4.54
C ILE A 131 10.06 8.93 -5.92
N GLN A 132 10.50 7.69 -6.11
CA GLN A 132 11.04 7.34 -7.41
C GLN A 132 9.86 7.31 -8.37
N GLU A 133 8.82 6.61 -7.99
CA GLU A 133 7.65 6.49 -8.86
C GLU A 133 7.16 7.84 -9.40
N LEU A 134 7.06 8.84 -8.52
CA LEU A 134 6.59 10.17 -8.94
C LEU A 134 7.61 10.93 -9.84
N ALA A 135 8.91 10.79 -9.54
CA ALA A 135 9.93 11.42 -10.34
C ALA A 135 9.86 10.86 -11.77
N CYS A 136 9.81 9.54 -11.89
CA CYS A 136 9.74 8.87 -13.21
C CYS A 136 8.46 9.29 -13.88
N SER A 137 7.36 9.09 -13.15
CA SER A 137 6.02 9.49 -13.61
C SER A 137 6.11 10.87 -14.30
N LEU A 138 6.56 11.89 -13.57
CA LEU A 138 6.64 13.22 -14.16
C LEU A 138 7.59 13.41 -15.31
N ILE A 139 8.74 12.77 -15.24
CA ILE A 139 9.74 12.92 -16.28
C ILE A 139 9.34 12.21 -17.58
N GLU A 140 8.85 10.97 -17.46
CA GLU A 140 8.43 10.23 -18.63
C GLU A 140 7.23 10.92 -19.27
N SER A 141 6.33 11.46 -18.46
CA SER A 141 5.18 12.14 -19.05
C SER A 141 5.67 13.38 -19.83
N LEU A 142 6.79 13.95 -19.39
CA LEU A 142 7.34 15.15 -20.03
C LEU A 142 8.31 14.84 -21.17
N ARG A 143 8.92 13.66 -21.10
CA ARG A 143 9.93 13.28 -22.07
C ARG A 143 9.63 13.60 -23.54
N PRO A 144 8.56 13.01 -24.10
CA PRO A 144 8.23 13.26 -25.51
C PRO A 144 7.92 14.70 -25.96
N GLN A 145 7.47 15.57 -25.06
CA GLN A 145 7.12 16.93 -25.43
C GLN A 145 8.29 17.78 -25.96
N GLY A 146 9.52 17.46 -25.55
CA GLY A 146 10.67 18.22 -25.99
C GLY A 146 10.77 19.60 -25.37
N GLN A 147 10.00 19.86 -24.34
CA GLN A 147 10.00 21.14 -23.66
C GLN A 147 9.18 21.13 -22.41
N CYS A 148 9.49 22.05 -21.51
CA CYS A 148 8.75 22.17 -20.26
C CYS A 148 9.09 23.47 -19.52
N ASN A 149 8.25 23.79 -18.54
CA ASN A 149 8.44 24.97 -17.70
C ASN A 149 8.92 24.33 -16.40
N PHE A 150 10.20 24.04 -16.34
CA PHE A 150 10.73 23.32 -15.20
C PHE A 150 10.18 23.63 -13.82
N THR A 151 10.08 24.92 -13.47
CA THR A 151 9.59 25.27 -12.15
C THR A 151 8.18 24.75 -11.90
N GLU A 152 7.27 24.95 -12.84
CA GLU A 152 5.92 24.47 -12.60
C GLU A 152 5.64 23.06 -13.01
N ASP A 153 6.37 22.52 -13.98
CA ASP A 153 6.12 21.16 -14.39
C ASP A 153 6.91 20.09 -13.60
N TYR A 154 7.97 20.48 -12.87
CA TYR A 154 8.71 19.48 -12.08
C TYR A 154 9.14 19.93 -10.68
N ALA A 155 9.89 21.02 -10.63
CA ALA A 155 10.42 21.55 -9.37
C ALA A 155 9.38 21.69 -8.26
N GLU A 156 8.19 22.18 -8.59
CA GLU A 156 7.13 22.38 -7.61
C GLU A 156 6.30 21.12 -7.27
N PRO A 157 5.73 20.43 -8.28
CA PRO A 157 4.92 19.25 -7.97
C PRO A 157 5.65 18.03 -7.41
N PHE A 158 6.89 17.81 -7.83
CA PHE A 158 7.62 16.67 -7.34
C PHE A 158 7.83 16.81 -5.82
N PRO A 159 8.56 17.85 -5.36
CA PRO A 159 8.68 17.89 -3.90
C PRO A 159 7.37 18.14 -3.10
N ILE A 160 6.53 19.07 -3.57
CA ILE A 160 5.31 19.40 -2.84
C ILE A 160 4.34 18.25 -2.70
N ARG A 161 4.20 17.45 -3.75
CA ARG A 161 3.29 16.31 -3.72
C ARG A 161 3.80 15.28 -2.74
N ILE A 162 5.11 15.07 -2.70
CA ILE A 162 5.69 14.12 -1.73
C ILE A 162 5.38 14.62 -0.31
N PHE A 163 5.56 15.92 -0.05
CA PHE A 163 5.28 16.48 1.29
C PHE A 163 3.74 16.41 1.66
N MET A 164 2.90 16.81 0.70
CA MET A 164 1.44 16.76 0.86
C MET A 164 1.00 15.30 1.13
N LEU A 165 1.77 14.34 0.59
CA LEU A 165 1.50 12.94 0.83
C LEU A 165 1.97 12.66 2.25
N LEU A 166 3.20 13.05 2.59
CA LEU A 166 3.66 12.76 3.94
C LEU A 166 2.71 13.39 4.98
N ALA A 167 2.32 14.65 4.74
CA ALA A 167 1.44 15.37 5.64
C ALA A 167 -0.05 14.97 5.55
N GLY A 168 -0.37 14.04 4.67
CA GLY A 168 -1.76 13.63 4.53
C GLY A 168 -2.69 14.77 4.15
N LEU A 169 -2.30 15.59 3.19
CA LEU A 169 -3.13 16.72 2.77
C LEU A 169 -3.42 16.65 1.27
N PRO A 170 -4.68 16.96 0.87
CA PRO A 170 -5.12 16.93 -0.51
C PRO A 170 -4.36 17.93 -1.39
N GLU A 171 -3.98 17.47 -2.59
CA GLU A 171 -3.18 18.23 -3.53
C GLU A 171 -3.79 19.52 -4.02
N GLU A 172 -5.11 19.59 -3.96
CA GLU A 172 -5.78 20.80 -4.42
C GLU A 172 -5.50 21.99 -3.50
N ASP A 173 -5.01 21.72 -2.29
CA ASP A 173 -4.69 22.79 -1.34
C ASP A 173 -3.34 23.47 -1.64
N ILE A 174 -2.55 22.86 -2.52
CA ILE A 174 -1.23 23.36 -2.90
C ILE A 174 -1.16 24.82 -3.31
N PRO A 175 -1.97 25.25 -4.28
CA PRO A 175 -1.94 26.64 -4.71
C PRO A 175 -2.04 27.65 -3.57
N HIS A 176 -2.95 27.40 -2.63
CA HIS A 176 -3.12 28.31 -1.53
C HIS A 176 -1.95 28.29 -0.57
N LEU A 177 -1.57 27.10 -0.11
CA LEU A 177 -0.48 26.94 0.84
C LEU A 177 0.86 27.45 0.30
N LYS A 178 1.11 27.17 -0.97
CA LYS A 178 2.35 27.56 -1.63
C LYS A 178 2.39 29.06 -1.77
N TYR A 179 1.23 29.68 -1.97
CA TYR A 179 1.22 31.13 -2.07
C TYR A 179 1.56 31.74 -0.68
N LEU A 180 0.97 31.20 0.39
CA LEU A 180 1.23 31.72 1.74
C LEU A 180 2.71 31.59 2.06
N THR A 181 3.24 30.38 1.85
CA THR A 181 4.65 30.05 2.08
C THR A 181 5.62 31.05 1.46
N ASP A 182 5.43 31.29 0.17
CA ASP A 182 6.26 32.22 -0.58
C ASP A 182 6.16 33.64 -0.03
N GLN A 183 5.01 34.01 0.58
CA GLN A 183 4.86 35.37 1.10
C GLN A 183 5.74 35.52 2.32
N MET A 184 6.14 34.38 2.86
CA MET A 184 6.99 34.37 4.05
C MET A 184 8.48 34.38 3.71
N THR A 185 8.84 33.82 2.57
CA THR A 185 10.24 33.74 2.18
C THR A 185 10.62 34.87 1.23
N ARG A 186 9.73 35.14 0.27
CA ARG A 186 9.92 36.17 -0.73
C ARG A 186 8.66 36.98 -0.98
N PRO A 187 8.21 37.75 0.02
CA PRO A 187 7.01 38.57 -0.12
C PRO A 187 6.90 39.49 -1.31
N ASP A 188 5.83 39.32 -2.09
CA ASP A 188 5.63 40.19 -3.22
C ASP A 188 4.98 41.47 -2.73
N GLY A 189 4.68 41.51 -1.44
CA GLY A 189 4.08 42.68 -0.83
C GLY A 189 2.58 42.67 -0.64
N SER A 190 1.88 41.71 -1.22
CA SER A 190 0.43 41.67 -1.06
C SER A 190 0.04 41.12 0.32
N MET A 191 1.03 40.72 1.12
CA MET A 191 0.71 40.15 2.42
C MET A 191 1.91 40.21 3.37
N THR A 192 1.68 40.58 4.64
CA THR A 192 2.79 40.60 5.61
C THR A 192 3.05 39.21 6.15
N PHE A 193 4.23 39.04 6.74
CA PHE A 193 4.57 37.79 7.34
C PHE A 193 3.44 37.40 8.32
N ALA A 194 3.02 38.36 9.14
CA ALA A 194 1.98 38.08 10.13
C ALA A 194 0.66 37.55 9.49
N GLU A 195 0.21 38.19 8.41
CA GLU A 195 -1.00 37.76 7.70
C GLU A 195 -0.80 36.37 7.06
N ALA A 196 0.36 36.17 6.44
CA ALA A 196 0.62 34.86 5.84
C ALA A 196 0.60 33.73 6.90
N LYS A 197 1.16 34.01 8.07
CA LYS A 197 1.20 33.00 9.11
C LYS A 197 -0.19 32.77 9.70
N GLU A 198 -0.94 33.85 9.92
CA GLU A 198 -2.26 33.67 10.48
C GLU A 198 -3.10 32.82 9.55
N ALA A 199 -2.99 33.03 8.26
CA ALA A 199 -3.79 32.20 7.34
C ALA A 199 -3.30 30.76 7.38
N LEU A 200 -2.00 30.58 7.62
CA LEU A 200 -1.47 29.22 7.64
C LEU A 200 -1.96 28.61 8.96
N TYR A 201 -2.07 29.39 10.01
CA TYR A 201 -2.56 28.83 11.25
C TYR A 201 -4.07 28.51 11.17
N ASP A 202 -4.81 29.29 10.39
CA ASP A 202 -6.26 29.09 10.17
C ASP A 202 -6.50 27.82 9.37
N TYR A 203 -5.64 27.59 8.38
CA TYR A 203 -5.75 26.40 7.58
C TYR A 203 -5.61 25.14 8.44
N LEU A 204 -4.56 25.07 9.24
CA LEU A 204 -4.23 23.92 10.07
C LEU A 204 -5.21 23.59 11.22
N ILE A 205 -5.49 24.55 12.09
CA ILE A 205 -6.36 24.35 13.24
C ILE A 205 -7.49 23.33 13.11
N PRO A 206 -8.33 23.46 12.09
CA PRO A 206 -9.36 22.41 12.08
C PRO A 206 -8.81 21.03 11.65
N ILE A 207 -7.64 21.00 10.99
CA ILE A 207 -7.09 19.74 10.55
C ILE A 207 -6.44 19.03 11.71
N ILE A 208 -5.77 19.79 12.57
CA ILE A 208 -5.11 19.29 13.76
C ILE A 208 -6.16 18.81 14.80
N GLU A 209 -7.26 19.55 14.95
CA GLU A 209 -8.34 19.14 15.86
C GLU A 209 -9.01 17.86 15.28
N GLN A 210 -9.18 17.79 13.96
CA GLN A 210 -9.76 16.62 13.31
C GLN A 210 -8.89 15.36 13.47
N ARG A 211 -7.58 15.51 13.39
CA ARG A 211 -6.71 14.33 13.53
C ARG A 211 -6.38 13.97 14.97
N ARG A 212 -6.74 14.82 15.92
CA ARG A 212 -6.52 14.51 17.31
C ARG A 212 -7.75 13.74 17.79
N GLN A 213 -8.88 14.01 17.15
CA GLN A 213 -10.17 13.41 17.48
C GLN A 213 -10.20 12.05 16.86
N LYS A 214 -9.44 11.87 15.78
CA LYS A 214 -9.46 10.60 15.06
C LYS A 214 -8.11 10.40 14.35
N PRO A 215 -7.10 9.93 15.11
CA PRO A 215 -5.72 9.65 14.74
C PRO A 215 -5.39 8.79 13.51
N GLY A 216 -4.65 9.40 12.58
CA GLY A 216 -4.22 8.72 11.37
C GLY A 216 -2.72 8.49 11.49
N THR A 217 -2.06 8.23 10.37
CA THR A 217 -0.63 8.00 10.39
C THR A 217 0.12 8.91 9.42
N ASP A 218 -0.27 10.18 9.37
CA ASP A 218 0.37 11.16 8.50
C ASP A 218 1.22 11.99 9.43
N ALA A 219 2.14 12.77 8.90
CA ALA A 219 2.97 13.59 9.76
C ALA A 219 2.14 14.51 10.65
N ILE A 220 1.00 14.94 10.16
CA ILE A 220 0.22 15.83 10.98
C ILE A 220 -0.37 15.16 12.21
N SER A 221 -1.01 14.02 12.04
CA SER A 221 -1.59 13.29 13.15
C SER A 221 -0.50 12.96 14.17
N ILE A 222 0.63 12.47 13.66
CA ILE A 222 1.72 12.10 14.52
C ILE A 222 2.12 13.27 15.35
N VAL A 223 2.08 14.45 14.79
CA VAL A 223 2.48 15.57 15.60
C VAL A 223 1.40 15.96 16.63
N ALA A 224 0.17 16.15 16.16
CA ALA A 224 -0.90 16.56 17.08
C ALA A 224 -1.15 15.58 18.20
N ASN A 225 -0.83 14.30 17.96
CA ASN A 225 -1.04 13.27 18.98
C ASN A 225 0.21 12.84 19.73
N GLY A 226 1.36 13.39 19.38
CA GLY A 226 2.61 13.02 20.05
C GLY A 226 2.87 13.62 21.43
N GLN A 227 4.07 13.33 21.93
CA GLN A 227 4.51 13.82 23.22
C GLN A 227 5.85 14.53 23.16
N VAL A 228 6.06 15.45 24.10
CA VAL A 228 7.33 16.16 24.19
C VAL A 228 7.93 15.84 25.56
N ASN A 229 9.10 15.19 25.53
CA ASN A 229 9.79 14.78 26.75
C ASN A 229 8.80 14.14 27.71
N GLY A 230 7.89 13.33 27.17
CA GLY A 230 6.94 12.68 28.02
C GLY A 230 5.55 13.29 28.16
N ARG A 231 5.39 14.60 28.03
CA ARG A 231 4.05 15.15 28.19
C ARG A 231 3.29 15.41 26.84
N PRO A 232 1.93 15.38 26.87
CA PRO A 232 1.12 15.61 25.66
C PRO A 232 1.27 17.00 25.04
N ILE A 233 1.38 17.04 23.72
CA ILE A 233 1.52 18.31 23.04
C ILE A 233 0.17 19.02 23.06
N THR A 234 0.19 20.36 23.13
CA THR A 234 -1.01 21.17 23.13
C THR A 234 -1.44 21.29 21.67
N SER A 235 -2.63 21.84 21.45
CA SER A 235 -3.17 22.05 20.10
C SER A 235 -2.32 23.12 19.48
N ASP A 236 -2.17 24.21 20.21
CA ASP A 236 -1.38 25.32 19.76
C ASP A 236 0.07 24.93 19.46
N GLU A 237 0.66 24.08 20.28
CA GLU A 237 2.03 23.71 20.01
C GLU A 237 2.11 22.93 18.70
N ALA A 238 1.11 22.10 18.46
CA ALA A 238 1.12 21.31 17.24
C ALA A 238 0.99 22.21 16.01
N LYS A 239 0.20 23.26 16.14
CA LYS A 239 -0.04 24.22 15.06
C LYS A 239 1.27 24.91 14.68
N ARG A 240 1.99 25.41 15.68
CA ARG A 240 3.28 26.09 15.43
C ARG A 240 4.35 25.18 14.80
N MET A 241 4.27 23.89 15.12
CA MET A 241 5.21 22.93 14.56
C MET A 241 4.77 22.56 13.14
N CYS A 242 3.50 22.26 12.92
CA CYS A 242 3.04 21.91 11.58
C CYS A 242 3.20 23.05 10.56
N GLY A 243 3.04 24.29 11.02
CA GLY A 243 3.20 25.39 10.08
C GLY A 243 4.66 25.39 9.64
N LEU A 244 5.56 25.14 10.58
CA LEU A 244 6.98 25.09 10.21
C LEU A 244 7.21 23.97 9.23
N LEU A 245 6.67 22.79 9.52
CA LEU A 245 6.86 21.64 8.65
C LEU A 245 6.37 21.91 7.25
N LEU A 246 5.21 22.57 7.17
CA LEU A 246 4.62 22.93 5.89
C LEU A 246 5.56 23.91 5.16
N LEU A 247 6.12 24.83 5.94
CA LEU A 247 7.02 25.85 5.40
C LEU A 247 8.28 25.17 4.86
N GLY A 248 8.84 24.23 5.63
CA GLY A 248 10.03 23.55 5.16
C GLY A 248 9.80 22.60 3.98
N GLY A 249 8.54 22.25 3.72
CA GLY A 249 8.26 21.31 2.65
C GLY A 249 7.89 21.88 1.29
N LEU A 250 7.38 23.10 1.29
CA LEU A 250 6.94 23.72 0.05
C LEU A 250 7.86 24.74 -0.61
N ASP A 251 8.88 25.20 0.09
CA ASP A 251 9.72 26.22 -0.52
C ASP A 251 11.23 26.08 -0.41
N THR A 252 11.76 24.87 -0.29
CA THR A 252 13.22 24.69 -0.17
C THR A 252 13.75 23.92 -1.37
N VAL A 253 13.45 22.62 -1.40
CA VAL A 253 13.87 21.72 -2.45
C VAL A 253 13.28 22.22 -3.76
N VAL A 254 12.05 22.76 -3.70
CA VAL A 254 11.42 23.28 -4.90
C VAL A 254 12.39 24.25 -5.61
N ASN A 255 12.81 25.28 -4.91
CA ASN A 255 13.70 26.23 -5.51
C ASN A 255 15.07 25.67 -5.88
N PHE A 256 15.61 24.79 -5.03
CA PHE A 256 16.92 24.22 -5.24
C PHE A 256 16.99 23.40 -6.52
N LEU A 257 15.98 22.58 -6.76
CA LEU A 257 15.95 21.78 -7.97
C LEU A 257 16.15 22.71 -9.18
N SER A 258 15.51 23.89 -9.15
CA SER A 258 15.63 24.87 -10.22
C SER A 258 16.98 25.50 -10.41
N PHE A 259 17.70 25.80 -9.34
CA PHE A 259 19.05 26.34 -9.54
C PHE A 259 19.92 25.20 -10.15
N SER A 260 19.76 23.96 -9.64
CA SER A 260 20.57 22.84 -10.13
C SER A 260 20.31 22.51 -11.61
N MET A 261 19.04 22.43 -12.00
CA MET A 261 18.73 22.12 -13.38
C MET A 261 19.04 23.30 -14.34
N GLU A 262 18.99 24.52 -13.84
CA GLU A 262 19.33 25.65 -14.69
C GLU A 262 20.78 25.46 -15.04
N PHE A 263 21.60 25.32 -14.00
CA PHE A 263 23.02 25.10 -14.19
C PHE A 263 23.35 23.88 -15.10
N LEU A 264 22.67 22.75 -14.90
CA LEU A 264 22.92 21.58 -15.72
C LEU A 264 22.60 21.85 -17.20
N ALA A 265 21.52 22.59 -17.46
CA ALA A 265 21.14 22.91 -18.84
C ALA A 265 22.20 23.76 -19.52
N LYS A 266 23.03 24.44 -18.73
CA LYS A 266 24.07 25.29 -19.30
C LYS A 266 25.46 24.66 -19.14
N SER A 267 25.50 23.41 -18.71
CA SER A 267 26.80 22.75 -18.54
C SER A 267 26.83 21.38 -19.20
N PRO A 268 26.86 21.35 -20.53
CA PRO A 268 26.89 20.04 -21.22
C PRO A 268 27.96 19.11 -20.64
N GLU A 269 29.17 19.62 -20.47
CA GLU A 269 30.27 18.85 -19.90
C GLU A 269 29.91 18.30 -18.52
N HIS A 270 29.22 19.11 -17.71
CA HIS A 270 28.84 18.62 -16.39
C HIS A 270 27.82 17.47 -16.48
N ARG A 271 26.91 17.61 -17.43
CA ARG A 271 25.89 16.61 -17.64
C ARG A 271 26.54 15.29 -18.08
N GLN A 272 27.49 15.38 -19.00
CA GLN A 272 28.12 14.16 -19.52
C GLN A 272 28.77 13.36 -18.46
N GLU A 273 29.45 14.06 -17.56
CA GLU A 273 30.13 13.41 -16.46
C GLU A 273 29.13 12.60 -15.66
N LEU A 274 27.94 13.16 -15.50
CA LEU A 274 26.97 12.42 -14.71
C LEU A 274 26.39 11.28 -15.53
N ILE A 275 26.27 11.48 -16.83
CA ILE A 275 25.77 10.42 -17.72
C ILE A 275 26.77 9.25 -17.67
N GLU A 276 28.03 9.58 -17.98
CA GLU A 276 29.17 8.64 -17.99
C GLU A 276 29.44 8.00 -16.66
N ARG A 277 29.38 8.77 -15.58
CA ARG A 277 29.65 8.18 -14.27
C ARG A 277 28.55 8.47 -13.25
N PRO A 278 27.42 7.74 -13.37
CA PRO A 278 26.27 7.90 -12.48
C PRO A 278 26.62 7.73 -11.02
N GLU A 279 27.68 6.98 -10.72
CA GLU A 279 28.07 6.73 -9.32
C GLU A 279 28.51 7.98 -8.60
N ARG A 280 28.66 9.08 -9.33
CA ARG A 280 29.09 10.31 -8.70
C ARG A 280 27.94 11.27 -8.44
N ILE A 281 26.72 10.86 -8.79
CA ILE A 281 25.56 11.73 -8.57
C ILE A 281 25.45 12.23 -7.11
N PRO A 282 25.60 11.34 -6.11
CA PRO A 282 25.51 11.81 -4.71
C PRO A 282 26.51 12.96 -4.46
N ALA A 283 27.77 12.73 -4.83
CA ALA A 283 28.80 13.77 -4.69
C ALA A 283 28.39 15.06 -5.41
N ALA A 284 27.84 14.93 -6.63
CA ALA A 284 27.43 16.12 -7.38
C ALA A 284 26.32 16.79 -6.58
N CYS A 285 25.43 15.98 -6.02
CA CYS A 285 24.36 16.56 -5.20
C CYS A 285 24.96 17.49 -4.12
N GLU A 286 26.01 17.07 -3.39
CA GLU A 286 26.63 17.92 -2.37
C GLU A 286 27.23 19.17 -2.98
N GLU A 287 28.04 18.99 -4.02
CA GLU A 287 28.68 20.13 -4.66
C GLU A 287 27.62 21.14 -5.06
N LEU A 288 26.51 20.69 -5.63
CA LEU A 288 25.45 21.60 -6.02
C LEU A 288 24.77 22.25 -4.82
N LEU A 289 24.64 21.47 -3.74
CA LEU A 289 24.05 21.96 -2.50
C LEU A 289 24.88 23.17 -1.98
N ARG A 290 26.20 23.08 -2.15
CA ARG A 290 27.13 24.15 -1.75
C ARG A 290 27.04 25.25 -2.76
N ARG A 291 27.26 24.92 -4.03
CA ARG A 291 27.25 25.98 -5.04
C ARG A 291 25.97 26.75 -5.10
N PHE A 292 24.84 26.07 -5.02
CA PHE A 292 23.63 26.82 -5.13
C PHE A 292 22.90 26.84 -3.82
N SER A 293 23.63 27.17 -2.76
CA SER A 293 23.05 27.27 -1.41
C SER A 293 21.99 28.36 -1.48
N LEU A 294 20.92 28.28 -0.72
CA LEU A 294 19.93 29.30 -0.95
C LEU A 294 19.17 29.83 0.22
N VAL A 295 19.53 29.39 1.42
CA VAL A 295 18.84 29.89 2.59
C VAL A 295 19.66 30.96 3.36
N ALA A 296 18.95 31.94 3.93
CA ALA A 296 19.61 32.92 4.75
C ALA A 296 18.70 33.47 5.88
N ASP A 297 18.84 32.93 7.09
CA ASP A 297 18.07 33.53 8.15
C ASP A 297 18.98 34.11 9.24
N GLY A 298 18.46 34.37 10.45
CA GLY A 298 19.32 35.01 11.42
C GLY A 298 18.89 34.89 12.86
N ARG A 299 19.57 35.65 13.71
CA ARG A 299 19.33 35.59 15.14
C ARG A 299 19.27 36.99 15.75
N ILE A 300 18.93 37.04 17.02
CA ILE A 300 18.84 38.32 17.66
C ILE A 300 19.72 38.26 18.91
N LEU A 301 20.39 39.37 19.19
CA LEU A 301 21.29 39.47 20.34
C LEU A 301 20.48 39.53 21.65
N THR A 302 20.81 38.60 22.54
CA THR A 302 20.21 38.49 23.85
C THR A 302 20.73 39.54 24.86
N SER A 303 21.91 40.10 24.64
CA SER A 303 22.49 41.11 25.53
C SER A 303 23.52 41.90 24.75
N ASP A 304 24.21 42.84 25.38
CA ASP A 304 25.25 43.57 24.67
C ASP A 304 26.36 42.55 24.57
N TYR A 305 27.04 42.48 23.42
CA TYR A 305 28.10 41.49 23.22
C TYR A 305 29.11 41.87 22.12
N GLU A 306 30.37 41.87 22.51
CA GLU A 306 31.45 42.19 21.63
C GLU A 306 31.80 40.93 20.82
N PHE A 307 31.66 41.01 19.50
CA PHE A 307 31.88 39.88 18.60
C PHE A 307 32.85 40.28 17.51
N HIS A 308 34.02 39.63 17.50
CA HIS A 308 35.04 39.93 16.51
C HIS A 308 35.28 41.46 16.40
N GLY A 309 35.57 42.08 17.54
CA GLY A 309 35.86 43.50 17.58
C GLY A 309 34.70 44.45 17.35
N VAL A 310 33.51 43.92 17.17
CA VAL A 310 32.36 44.80 16.95
C VAL A 310 31.38 44.75 18.11
N GLN A 311 30.95 45.91 18.57
CA GLN A 311 29.98 45.96 19.67
C GLN A 311 28.53 45.72 19.22
N LEU A 312 27.94 44.62 19.65
CA LEU A 312 26.57 44.32 19.25
C LEU A 312 25.66 44.66 20.43
N LYS A 313 24.53 45.29 20.19
CA LYS A 313 23.63 45.62 21.29
C LYS A 313 22.49 44.62 21.46
N LYS A 314 22.10 44.37 22.71
CA LYS A 314 20.96 43.50 22.93
C LYS A 314 19.88 44.07 22.01
N GLY A 315 19.13 43.19 21.33
CA GLY A 315 18.08 43.63 20.42
C GLY A 315 18.49 43.77 18.95
N ASP A 316 19.79 43.83 18.66
CA ASP A 316 20.25 43.95 17.28
C ASP A 316 20.00 42.62 16.61
N GLN A 317 19.56 42.69 15.38
CA GLN A 317 19.36 41.50 14.58
C GLN A 317 20.63 41.28 13.74
N ILE A 318 20.98 40.03 13.55
CA ILE A 318 22.12 39.71 12.72
C ILE A 318 21.73 38.54 11.76
N LEU A 319 21.79 38.83 10.46
CA LEU A 319 21.51 37.86 9.40
C LEU A 319 22.77 36.98 9.25
N LEU A 320 22.63 35.66 9.38
CA LEU A 320 23.73 34.70 9.27
C LEU A 320 23.44 33.79 8.08
N PRO A 321 23.78 34.27 6.88
CA PRO A 321 23.54 33.54 5.62
C PRO A 321 24.12 32.16 5.44
N GLN A 322 23.35 31.15 5.81
CA GLN A 322 23.82 29.78 5.63
C GLN A 322 24.42 29.67 4.19
N MET A 323 23.82 30.41 3.24
CA MET A 323 24.26 30.43 1.82
C MET A 323 25.73 30.81 1.64
N LEU A 324 26.18 31.81 2.39
CA LEU A 324 27.54 32.30 2.24
C LEU A 324 28.70 31.42 2.67
N SER A 325 28.53 30.57 3.67
CA SER A 325 29.67 29.75 4.11
C SER A 325 30.40 29.01 3.01
N GLY A 326 29.63 28.22 2.25
CA GLY A 326 30.19 27.43 1.17
C GLY A 326 30.68 28.23 -0.02
N LEU A 327 30.20 29.45 -0.18
CA LEU A 327 30.63 30.27 -1.30
C LEU A 327 31.86 31.06 -0.91
N ASP A 328 32.16 31.04 0.40
CA ASP A 328 33.35 31.70 0.97
C ASP A 328 34.65 31.07 0.42
N GLU A 329 35.53 31.89 -0.16
CA GLU A 329 36.81 31.38 -0.69
C GLU A 329 37.67 30.89 0.50
N ARG A 330 37.43 31.42 1.69
CA ARG A 330 38.13 30.94 2.85
C ARG A 330 37.61 29.52 3.26
N GLU A 331 36.63 28.98 2.54
CA GLU A 331 36.21 27.63 2.88
C GLU A 331 36.52 26.70 1.73
N ASN A 332 36.27 27.16 0.49
CA ASN A 332 36.49 26.39 -0.75
C ASN A 332 37.18 27.25 -1.82
N ALA A 333 38.30 26.79 -2.36
CA ALA A 333 39.01 27.59 -3.38
C ALA A 333 38.11 27.59 -4.61
N ALA A 334 38.19 28.63 -5.44
CA ALA A 334 37.33 28.71 -6.63
C ALA A 334 35.88 28.39 -6.21
N PRO A 335 35.34 29.06 -5.17
CA PRO A 335 33.96 28.81 -4.67
C PRO A 335 32.86 28.85 -5.71
N MET A 336 32.97 29.77 -6.65
CA MET A 336 31.98 29.89 -7.71
C MET A 336 32.11 28.78 -8.79
N HIS A 337 33.10 27.90 -8.62
CA HIS A 337 33.31 26.85 -9.59
C HIS A 337 32.65 25.54 -9.19
N VAL A 338 31.88 24.93 -10.10
CA VAL A 338 31.26 23.63 -9.78
C VAL A 338 32.28 22.51 -10.15
N ASP A 339 32.56 21.65 -9.20
CA ASP A 339 33.51 20.56 -9.37
C ASP A 339 32.97 19.33 -8.62
N PHE A 340 32.33 18.40 -9.32
CA PHE A 340 31.80 17.24 -8.62
C PHE A 340 32.85 16.38 -7.94
N SER A 341 34.12 16.61 -8.24
CA SER A 341 35.21 15.82 -7.64
C SER A 341 35.93 16.57 -6.50
N ARG A 342 35.38 17.75 -6.18
CA ARG A 342 35.86 18.63 -5.12
C ARG A 342 36.09 17.78 -3.87
N GLN A 343 37.34 17.77 -3.38
CA GLN A 343 37.81 16.96 -2.25
C GLN A 343 37.07 17.04 -0.95
N LYS A 344 36.97 18.25 -0.43
CA LYS A 344 36.27 18.50 0.82
C LYS A 344 35.21 19.57 0.50
N VAL A 345 33.96 19.14 0.43
CA VAL A 345 32.88 20.10 0.16
C VAL A 345 32.47 20.71 1.50
N SER A 346 32.80 21.98 1.69
CA SER A 346 32.49 22.57 2.97
C SER A 346 31.32 23.50 2.85
N HIS A 347 30.31 23.35 3.71
CA HIS A 347 29.16 24.27 3.66
C HIS A 347 28.22 24.24 4.90
N THR A 348 27.19 25.11 4.87
CA THR A 348 26.19 25.21 5.95
C THR A 348 24.84 25.43 5.27
N THR A 349 24.65 24.74 4.16
CA THR A 349 23.41 24.88 3.40
C THR A 349 22.15 24.39 4.14
N PHE A 350 22.35 23.45 5.06
CA PHE A 350 21.24 22.93 5.86
C PHE A 350 21.33 23.55 7.26
N GLY A 351 22.10 24.62 7.37
CA GLY A 351 22.21 25.29 8.65
C GLY A 351 23.43 24.89 9.41
N HIS A 352 23.49 25.33 10.67
CA HIS A 352 24.60 24.97 11.52
C HIS A 352 24.22 25.18 12.99
N GLY A 353 24.66 24.28 13.89
CA GLY A 353 24.30 24.41 15.30
C GLY A 353 23.13 23.49 15.76
N SER A 354 22.36 23.89 16.75
CA SER A 354 21.25 23.06 17.26
C SER A 354 20.00 23.03 16.38
N HIS A 355 20.00 23.84 15.33
CA HIS A 355 18.87 23.92 14.47
C HIS A 355 19.06 23.25 13.09
N LEU A 356 20.06 22.36 13.00
CA LEU A 356 20.36 21.61 11.77
C LEU A 356 19.09 21.13 11.13
N CYS A 357 19.03 21.24 9.81
CA CYS A 357 17.86 20.86 9.03
C CYS A 357 17.36 19.45 9.24
N LEU A 358 16.14 19.34 9.73
CA LEU A 358 15.55 18.04 9.96
C LEU A 358 15.18 17.39 8.65
N GLY A 359 14.98 18.20 7.62
CA GLY A 359 14.56 17.64 6.34
C GLY A 359 15.63 17.36 5.32
N GLN A 360 16.87 17.52 5.73
CA GLN A 360 17.97 17.30 4.82
C GLN A 360 18.00 15.89 4.20
N HIS A 361 17.68 14.85 4.98
CA HIS A 361 17.70 13.50 4.40
C HIS A 361 16.59 13.39 3.32
N LEU A 362 15.45 14.06 3.54
CA LEU A 362 14.42 14.02 2.54
C LEU A 362 14.90 14.86 1.37
N ALA A 363 15.58 15.96 1.70
CA ALA A 363 16.05 16.81 0.61
C ALA A 363 17.04 16.10 -0.30
N ARG A 364 18.06 15.47 0.28
CA ARG A 364 19.07 14.78 -0.55
C ARG A 364 18.47 13.67 -1.40
N ARG A 365 17.52 12.96 -0.80
CA ARG A 365 16.88 11.88 -1.52
C ARG A 365 16.13 12.40 -2.75
N GLU A 366 15.37 13.48 -2.59
CA GLU A 366 14.62 14.07 -3.69
C GLU A 366 15.56 14.52 -4.78
N ILE A 367 16.57 15.29 -4.39
CA ILE A 367 17.58 15.79 -5.34
C ILE A 367 18.28 14.65 -6.09
N ILE A 368 18.69 13.61 -5.37
CA ILE A 368 19.41 12.53 -6.06
C ILE A 368 18.58 11.72 -7.05
N VAL A 369 17.34 11.42 -6.67
CA VAL A 369 16.48 10.67 -7.56
C VAL A 369 16.21 11.56 -8.76
N THR A 370 16.08 12.86 -8.54
CA THR A 370 15.84 13.76 -9.63
C THR A 370 17.01 13.65 -10.57
N LEU A 371 18.22 13.82 -10.07
CA LEU A 371 19.37 13.74 -10.97
C LEU A 371 19.44 12.42 -11.73
N LYS A 372 19.33 11.31 -11.02
CA LYS A 372 19.37 9.98 -11.65
C LYS A 372 18.32 9.73 -12.74
N GLU A 373 17.05 9.96 -12.41
CA GLU A 373 15.96 9.71 -13.31
C GLU A 373 15.81 10.69 -14.48
N TRP A 374 16.21 11.94 -14.31
CA TRP A 374 16.08 12.89 -15.40
C TRP A 374 17.16 12.59 -16.44
N LEU A 375 18.40 12.49 -15.98
CA LEU A 375 19.53 12.24 -16.84
C LEU A 375 19.41 10.90 -17.58
N THR A 376 18.83 9.93 -16.88
CA THR A 376 18.63 8.62 -17.47
C THR A 376 17.56 8.67 -18.57
N ARG A 377 16.71 9.71 -18.59
CA ARG A 377 15.69 9.78 -19.62
C ARG A 377 15.76 11.02 -20.55
N ILE A 378 16.43 12.07 -20.10
CA ILE A 378 16.53 13.30 -20.87
C ILE A 378 17.94 13.88 -20.73
N PRO A 379 18.97 13.10 -21.12
CA PRO A 379 20.38 13.50 -21.04
C PRO A 379 20.81 14.81 -21.70
N ASP A 380 20.11 15.24 -22.75
CA ASP A 380 20.50 16.49 -23.38
C ASP A 380 19.31 17.45 -23.43
N PHE A 381 19.51 18.63 -22.87
CA PHE A 381 18.49 19.64 -22.86
C PHE A 381 19.20 20.94 -22.64
N SER A 382 18.59 22.03 -23.09
CA SER A 382 19.17 23.34 -22.92
C SER A 382 18.10 24.29 -22.41
N ILE A 383 18.49 25.53 -22.23
CA ILE A 383 17.56 26.55 -21.79
C ILE A 383 16.89 27.07 -23.04
N ALA A 384 15.58 27.29 -22.98
CA ALA A 384 14.88 27.82 -24.14
C ALA A 384 15.69 28.97 -24.76
N PRO A 385 15.88 28.94 -26.08
CA PRO A 385 16.64 29.97 -26.78
C PRO A 385 16.31 31.42 -26.41
N GLY A 386 17.32 32.20 -26.07
CA GLY A 386 17.08 33.61 -25.71
C GLY A 386 16.60 33.87 -24.27
N ALA A 387 15.93 32.91 -23.63
CA ALA A 387 15.44 33.12 -22.26
C ALA A 387 16.40 33.85 -21.30
N GLN A 388 15.85 34.86 -20.62
CA GLN A 388 16.62 35.65 -19.66
C GLN A 388 16.23 35.23 -18.22
N ILE A 389 16.93 34.25 -17.68
CA ILE A 389 16.60 33.71 -16.37
C ILE A 389 16.68 34.71 -15.24
N GLN A 390 15.66 34.67 -14.38
CA GLN A 390 15.59 35.57 -13.28
C GLN A 390 15.43 34.88 -11.96
N HIS A 391 16.28 35.26 -11.02
CA HIS A 391 16.26 34.77 -9.66
C HIS A 391 15.57 35.81 -8.77
N LYS A 392 15.16 35.41 -7.57
CA LYS A 392 14.53 36.28 -6.60
C LYS A 392 15.25 35.95 -5.33
N SER A 393 15.52 36.98 -4.55
CA SER A 393 16.23 36.85 -3.32
C SER A 393 15.30 37.00 -2.14
N GLY A 394 15.57 36.24 -1.08
CA GLY A 394 14.74 36.35 0.12
C GLY A 394 15.28 35.51 1.25
N ILE A 395 14.46 35.12 2.23
CA ILE A 395 14.96 34.22 3.28
C ILE A 395 15.42 32.97 2.54
N VAL A 396 14.66 32.59 1.52
CA VAL A 396 15.03 31.44 0.69
C VAL A 396 15.02 32.00 -0.70
N SER A 397 16.14 31.92 -1.40
CA SER A 397 16.15 32.46 -2.75
C SER A 397 15.65 31.44 -3.77
N GLY A 398 15.29 31.91 -4.96
CA GLY A 398 14.78 30.95 -5.92
C GLY A 398 14.78 31.44 -7.35
N VAL A 399 14.22 30.60 -8.22
CA VAL A 399 14.14 30.86 -9.65
C VAL A 399 12.70 31.17 -10.09
N GLN A 400 12.53 32.26 -10.82
CA GLN A 400 11.21 32.67 -11.29
C GLN A 400 10.64 31.67 -12.30
N ALA A 401 11.43 31.35 -13.32
CA ALA A 401 10.96 30.41 -14.30
C ALA A 401 12.18 29.82 -14.98
N LEU A 402 12.07 28.61 -15.50
CA LEU A 402 13.19 27.99 -16.18
C LEU A 402 12.65 27.25 -17.39
N PRO A 403 12.63 27.92 -18.55
CA PRO A 403 12.12 27.26 -19.75
C PRO A 403 13.15 26.25 -20.25
N LEU A 404 12.74 25.00 -20.46
CA LEU A 404 13.66 23.97 -20.97
C LEU A 404 13.19 23.36 -22.27
N VAL A 405 14.14 23.13 -23.16
CA VAL A 405 13.84 22.52 -24.44
C VAL A 405 14.82 21.39 -24.66
N TRP A 406 14.45 20.46 -25.54
CA TRP A 406 15.31 19.37 -25.93
C TRP A 406 14.65 18.67 -27.12
N ASP A 407 15.42 17.81 -27.76
CA ASP A 407 14.94 17.07 -28.91
C ASP A 407 14.58 15.67 -28.41
N PRO A 408 13.31 15.24 -28.57
CA PRO A 408 12.75 13.94 -28.18
C PRO A 408 13.46 12.75 -28.81
N ALA A 409 14.08 12.96 -29.96
CA ALA A 409 14.81 11.88 -30.62
C ALA A 409 16.01 11.44 -29.76
N THR A 410 16.52 12.36 -28.92
CA THR A 410 17.66 12.06 -28.06
C THR A 410 17.32 11.50 -26.68
N THR A 411 16.07 11.13 -26.45
CA THR A 411 15.69 10.59 -25.16
C THR A 411 15.39 9.09 -25.16
N LYS A 412 15.09 8.54 -23.97
CA LYS A 412 14.79 7.11 -23.89
C LYS A 412 13.94 6.67 -22.72
N ALA A 413 12.94 5.85 -23.02
CA ALA A 413 12.08 5.33 -21.96
C ALA A 413 12.94 4.37 -21.16
N VAL A 414 12.80 4.44 -19.84
CA VAL A 414 13.56 3.61 -18.93
C VAL A 414 12.73 3.38 -17.69
N ASN B 10 -15.70 0.33 -7.67
CA ASN B 10 -16.07 -0.45 -6.43
C ASN B 10 -14.83 -0.84 -5.66
N LEU B 11 -13.92 0.10 -5.49
CA LEU B 11 -12.70 -0.16 -4.76
C LEU B 11 -12.82 0.62 -3.45
N ALA B 12 -12.44 -0.02 -2.33
CA ALA B 12 -12.55 0.61 -1.02
C ALA B 12 -11.35 1.47 -0.70
N PRO B 13 -11.60 2.67 -0.18
CA PRO B 13 -10.48 3.55 0.16
C PRO B 13 -9.43 2.81 0.98
N LEU B 14 -8.22 2.78 0.43
CA LEU B 14 -7.09 2.14 1.06
C LEU B 14 -6.94 2.62 2.50
N PRO B 15 -7.05 1.71 3.49
CA PRO B 15 -6.92 2.07 4.90
C PRO B 15 -5.50 2.52 5.23
N PRO B 16 -5.35 3.37 6.27
CA PRO B 16 -4.08 3.94 6.73
C PRO B 16 -2.85 3.02 6.80
N HIS B 17 -2.94 1.92 7.54
CA HIS B 17 -1.79 1.04 7.64
C HIS B 17 -1.49 0.29 6.39
N VAL B 18 -2.48 0.01 5.58
CA VAL B 18 -2.17 -0.73 4.37
C VAL B 18 -1.17 0.00 3.49
N PRO B 19 0.08 -0.49 3.43
CA PRO B 19 1.14 0.10 2.64
C PRO B 19 0.68 0.10 1.19
N GLU B 20 1.12 1.08 0.38
CA GLU B 20 0.68 1.13 -1.00
C GLU B 20 1.39 0.17 -1.97
N HIS B 21 2.53 -0.40 -1.59
CA HIS B 21 3.20 -1.34 -2.48
C HIS B 21 2.60 -2.77 -2.39
N LEU B 22 1.68 -2.96 -1.44
CA LEU B 22 1.02 -4.25 -1.25
C LEU B 22 -0.39 -4.25 -1.81
N VAL B 23 -0.74 -3.22 -2.55
CA VAL B 23 -2.08 -3.19 -3.06
C VAL B 23 -2.21 -3.89 -4.38
N PHE B 24 -3.13 -4.85 -4.41
CA PHE B 24 -3.41 -5.63 -5.58
C PHE B 24 -4.93 -5.91 -5.60
N ASP B 25 -5.62 -5.18 -6.45
CA ASP B 25 -7.06 -5.29 -6.56
C ASP B 25 -7.60 -6.54 -7.25
N PHE B 26 -7.39 -7.70 -6.62
CA PHE B 26 -7.92 -8.96 -7.16
C PHE B 26 -9.37 -9.06 -6.61
N ASP B 27 -10.34 -9.33 -7.49
CA ASP B 27 -11.72 -9.45 -7.09
C ASP B 27 -12.13 -10.93 -7.01
N MET B 28 -12.23 -11.48 -5.80
CA MET B 28 -12.56 -12.90 -5.61
C MET B 28 -13.86 -13.41 -6.23
N TYR B 29 -14.74 -12.50 -6.64
CA TYR B 29 -16.02 -12.94 -7.21
C TYR B 29 -16.13 -12.66 -8.69
N ASN B 30 -15.07 -12.09 -9.26
CA ASN B 30 -15.01 -11.77 -10.67
C ASN B 30 -13.54 -11.56 -10.95
N PRO B 31 -12.76 -12.64 -10.88
CA PRO B 31 -11.33 -12.50 -11.13
C PRO B 31 -11.04 -11.99 -12.53
N SER B 32 -10.01 -11.14 -12.59
CA SER B 32 -9.55 -10.53 -13.82
C SER B 32 -9.44 -11.42 -15.07
N ASN B 33 -8.65 -12.47 -15.02
CA ASN B 33 -8.53 -13.28 -16.21
C ASN B 33 -9.36 -14.55 -16.21
N LEU B 34 -10.61 -14.41 -15.78
CA LEU B 34 -11.50 -15.56 -15.71
C LEU B 34 -11.40 -16.45 -16.94
N SER B 35 -11.81 -15.95 -18.10
CA SER B 35 -11.75 -16.73 -19.33
C SER B 35 -10.61 -17.77 -19.48
N ALA B 36 -9.48 -17.57 -18.80
CA ALA B 36 -8.35 -18.50 -18.94
C ALA B 36 -8.44 -19.70 -18.01
N GLY B 37 -9.43 -19.67 -17.12
CA GLY B 37 -9.59 -20.72 -16.16
C GLY B 37 -9.69 -20.09 -14.79
N VAL B 38 -10.66 -20.53 -13.99
CA VAL B 38 -10.79 -19.90 -12.69
C VAL B 38 -9.52 -20.18 -11.87
N GLN B 39 -8.95 -21.37 -11.98
CA GLN B 39 -7.75 -21.62 -11.18
C GLN B 39 -6.67 -20.70 -11.74
N GLU B 40 -6.62 -20.61 -13.06
CA GLU B 40 -5.67 -19.75 -13.71
C GLU B 40 -5.86 -18.29 -13.22
N ALA B 41 -7.07 -17.74 -13.28
CA ALA B 41 -7.26 -16.36 -12.82
C ALA B 41 -6.74 -16.05 -11.40
N TRP B 42 -6.78 -17.01 -10.47
CA TRP B 42 -6.30 -16.80 -9.07
C TRP B 42 -4.77 -16.96 -9.01
N ALA B 43 -4.25 -17.76 -9.92
CA ALA B 43 -2.82 -18.05 -10.03
C ALA B 43 -1.97 -16.78 -10.31
N VAL B 44 -2.63 -15.75 -10.85
CA VAL B 44 -1.93 -14.51 -11.14
C VAL B 44 -1.43 -13.91 -9.83
N LEU B 45 -1.96 -14.41 -8.71
CA LEU B 45 -1.55 -13.93 -7.40
C LEU B 45 -0.24 -14.60 -7.03
N GLN B 46 0.27 -15.45 -7.93
CA GLN B 46 1.51 -16.17 -7.69
C GLN B 46 2.67 -15.79 -8.58
N GLU B 47 2.40 -14.93 -9.56
CA GLU B 47 3.48 -14.50 -10.43
C GLU B 47 4.62 -13.87 -9.58
N SER B 48 5.83 -14.05 -10.06
CA SER B 48 7.08 -13.60 -9.45
C SER B 48 7.02 -12.18 -8.91
N ASN B 49 6.32 -11.33 -9.65
CA ASN B 49 6.16 -9.92 -9.33
C ASN B 49 5.02 -9.65 -8.34
N VAL B 50 4.68 -10.62 -7.50
CA VAL B 50 3.59 -10.39 -6.58
C VAL B 50 3.98 -10.77 -5.17
N PRO B 51 3.69 -9.87 -4.21
CA PRO B 51 4.00 -10.08 -2.79
C PRO B 51 3.40 -11.37 -2.29
N ASP B 52 3.84 -11.80 -1.11
CA ASP B 52 3.31 -13.01 -0.50
C ASP B 52 2.00 -12.63 0.16
N LEU B 53 1.94 -11.42 0.69
CA LEU B 53 0.73 -10.89 1.30
C LEU B 53 0.39 -9.64 0.54
N VAL B 54 -0.84 -9.54 0.06
CA VAL B 54 -1.25 -8.36 -0.70
C VAL B 54 -2.55 -7.86 -0.08
N TRP B 55 -3.01 -6.68 -0.50
CA TRP B 55 -4.26 -6.14 0.00
C TRP B 55 -5.11 -5.83 -1.20
N THR B 56 -6.37 -6.20 -1.14
CA THR B 56 -7.20 -5.90 -2.28
C THR B 56 -8.19 -4.90 -1.81
N ARG B 57 -8.65 -4.07 -2.71
CA ARG B 57 -9.56 -3.06 -2.32
C ARG B 57 -10.96 -3.39 -2.73
N CYS B 58 -11.12 -4.57 -3.34
CA CYS B 58 -12.46 -4.99 -3.77
C CYS B 58 -13.23 -5.52 -2.60
N ASN B 59 -14.53 -5.70 -2.80
CA ASN B 59 -15.37 -6.26 -1.76
C ASN B 59 -15.05 -5.76 -0.33
N GLY B 60 -14.82 -4.46 -0.18
CA GLY B 60 -14.59 -3.92 1.14
C GLY B 60 -13.15 -3.80 1.60
N GLY B 61 -12.24 -4.48 0.92
CA GLY B 61 -10.84 -4.41 1.34
C GLY B 61 -10.52 -5.54 2.30
N HIS B 62 -9.46 -6.28 2.01
CA HIS B 62 -9.07 -7.41 2.85
C HIS B 62 -7.71 -7.96 2.42
N TRP B 63 -7.00 -8.56 3.36
CA TRP B 63 -5.72 -9.12 2.99
C TRP B 63 -5.92 -10.36 2.11
N ILE B 64 -4.83 -10.91 1.61
CA ILE B 64 -4.84 -12.11 0.78
C ILE B 64 -3.42 -12.68 0.82
N ALA B 65 -3.29 -13.89 1.36
CA ALA B 65 -2.03 -14.62 1.43
C ALA B 65 -1.96 -15.29 0.08
N THR B 66 -0.81 -15.28 -0.58
CA THR B 66 -0.71 -15.90 -1.91
C THR B 66 0.10 -17.19 -2.02
N ARG B 67 0.91 -17.52 -1.01
CA ARG B 67 1.69 -18.77 -1.07
C ARG B 67 1.24 -19.75 -0.01
N GLY B 68 1.58 -21.02 -0.23
CA GLY B 68 1.20 -22.06 0.69
C GLY B 68 1.65 -21.85 2.13
N GLN B 69 2.95 -21.60 2.30
CA GLN B 69 3.50 -21.38 3.61
C GLN B 69 2.65 -20.43 4.45
N LEU B 70 2.18 -19.34 3.85
CA LEU B 70 1.37 -18.35 4.57
C LEU B 70 -0.08 -18.83 4.85
N ILE B 71 -0.64 -19.54 3.89
CA ILE B 71 -2.00 -20.04 4.02
C ILE B 71 -2.02 -21.07 5.16
N ARG B 72 -1.13 -22.05 5.11
CA ARG B 72 -1.09 -23.05 6.18
C ARG B 72 -0.80 -22.41 7.54
N GLU B 73 0.25 -21.61 7.58
CA GLU B 73 0.67 -20.95 8.80
C GLU B 73 -0.47 -20.15 9.42
N ALA B 74 -1.30 -19.53 8.58
CA ALA B 74 -2.42 -18.71 9.06
C ALA B 74 -3.65 -19.51 9.56
N TYR B 75 -3.95 -20.65 8.93
CA TYR B 75 -5.07 -21.49 9.34
C TYR B 75 -4.68 -22.24 10.63
N GLU B 76 -3.37 -22.52 10.76
CA GLU B 76 -2.73 -23.19 11.89
C GLU B 76 -2.80 -22.30 13.12
N ASP B 77 -2.51 -21.02 12.92
CA ASP B 77 -2.51 -20.05 14.02
C ASP B 77 -3.86 -19.41 14.30
N TYR B 78 -4.68 -20.09 15.09
CA TYR B 78 -6.01 -19.58 15.36
C TYR B 78 -6.19 -18.52 16.41
N ARG B 79 -5.11 -18.14 17.09
CA ARG B 79 -5.16 -17.06 18.09
C ARG B 79 -5.25 -15.71 17.36
N HIS B 80 -4.38 -15.53 16.39
CA HIS B 80 -4.37 -14.30 15.60
C HIS B 80 -5.41 -14.35 14.51
N PHE B 81 -5.49 -15.47 13.78
CA PHE B 81 -6.47 -15.64 12.70
C PHE B 81 -7.70 -16.46 13.13
N SER B 82 -8.72 -15.73 13.55
CA SER B 82 -9.97 -16.27 14.05
C SER B 82 -11.03 -16.56 12.97
N SER B 83 -11.81 -17.60 13.23
CA SER B 83 -12.89 -18.04 12.35
C SER B 83 -14.17 -17.31 12.65
N GLU B 84 -14.18 -16.41 13.62
CA GLU B 84 -15.45 -15.78 13.91
C GLU B 84 -16.02 -15.04 12.71
N CYS B 85 -15.19 -14.56 11.79
CA CYS B 85 -15.65 -13.81 10.62
C CYS B 85 -14.86 -14.37 9.44
N PRO B 86 -15.34 -15.48 8.86
CA PRO B 86 -14.65 -16.13 7.74
C PRO B 86 -15.11 -15.82 6.32
N TRP B 87 -16.25 -15.13 6.15
CA TRP B 87 -16.72 -14.80 4.80
C TRP B 87 -16.25 -13.39 4.46
N ILE B 88 -15.87 -13.17 3.20
CA ILE B 88 -15.33 -11.87 2.84
C ILE B 88 -16.19 -10.63 2.87
N PRO B 89 -17.32 -10.59 2.15
CA PRO B 89 -18.00 -9.30 2.33
C PRO B 89 -18.17 -9.29 3.85
N ARG B 90 -17.48 -8.37 4.54
CA ARG B 90 -17.49 -8.30 6.01
C ARG B 90 -18.87 -8.55 6.56
N GLU B 91 -19.87 -8.02 5.86
CA GLU B 91 -21.25 -8.16 6.26
C GLU B 91 -21.66 -9.63 6.26
N ALA B 92 -21.18 -10.34 5.25
CA ALA B 92 -21.45 -11.77 5.07
C ALA B 92 -20.71 -12.44 6.22
N GLY B 93 -19.43 -12.10 6.33
CA GLY B 93 -18.59 -12.67 7.37
C GLY B 93 -19.20 -12.52 8.74
N GLU B 94 -19.84 -11.39 8.98
CA GLU B 94 -20.45 -11.14 10.27
C GLU B 94 -21.76 -11.88 10.41
N ALA B 95 -22.48 -12.05 9.32
CA ALA B 95 -23.73 -12.79 9.42
C ALA B 95 -23.47 -14.30 9.57
N PHE B 96 -22.33 -14.76 9.05
CA PHE B 96 -21.95 -16.19 9.08
C PHE B 96 -21.90 -16.73 10.48
N ASP B 97 -22.84 -17.59 10.87
CA ASP B 97 -22.73 -18.12 12.22
C ASP B 97 -22.89 -19.61 12.29
N PHE B 98 -22.61 -20.23 11.15
CA PHE B 98 -22.70 -21.68 11.02
C PHE B 98 -21.76 -22.37 11.99
N ILE B 99 -22.18 -23.55 12.43
CA ILE B 99 -21.44 -24.36 13.37
C ILE B 99 -20.89 -25.61 12.69
N PRO B 100 -19.61 -25.96 12.95
CA PRO B 100 -18.64 -25.30 13.82
C PRO B 100 -17.67 -24.36 13.11
N THR B 101 -17.98 -24.03 11.87
CA THR B 101 -17.06 -23.21 11.09
C THR B 101 -16.77 -21.81 11.64
N SER B 102 -17.78 -21.16 12.22
CA SER B 102 -17.61 -19.83 12.79
C SER B 102 -16.99 -19.85 14.20
N MET B 103 -16.62 -21.02 14.68
CA MET B 103 -16.01 -21.17 16.02
C MET B 103 -14.50 -21.48 15.99
N ASP B 104 -13.78 -21.01 17.00
CA ASP B 104 -12.36 -21.29 17.03
C ASP B 104 -12.19 -22.30 18.15
N PRO B 105 -11.06 -22.99 18.18
CA PRO B 105 -10.81 -23.97 19.24
C PRO B 105 -10.62 -23.07 20.46
N PRO B 106 -10.96 -23.55 21.65
CA PRO B 106 -11.50 -24.84 22.07
C PRO B 106 -12.98 -25.07 21.85
N GLU B 107 -13.73 -23.99 21.81
CA GLU B 107 -15.17 -24.06 21.64
C GLU B 107 -15.63 -25.00 20.51
N GLN B 108 -15.05 -24.79 19.32
CA GLN B 108 -15.36 -25.54 18.10
C GLN B 108 -15.29 -27.08 18.24
N ARG B 109 -14.24 -27.57 18.89
CA ARG B 109 -14.03 -28.99 19.05
C ARG B 109 -15.24 -29.87 19.40
N GLN B 110 -16.01 -29.54 20.45
CA GLN B 110 -17.14 -30.42 20.81
C GLN B 110 -18.24 -30.51 19.75
N PHE B 111 -18.25 -29.53 18.84
CA PHE B 111 -19.22 -29.54 17.76
C PHE B 111 -18.79 -30.41 16.60
N ARG B 112 -17.49 -30.53 16.36
CA ARG B 112 -16.98 -31.32 15.24
C ARG B 112 -17.25 -32.79 15.40
N ALA B 113 -17.27 -33.28 16.63
CA ALA B 113 -17.49 -34.69 16.81
C ALA B 113 -18.86 -35.09 16.32
N LEU B 114 -19.88 -34.34 16.75
CA LEU B 114 -21.24 -34.64 16.36
C LEU B 114 -21.40 -34.52 14.87
N ALA B 115 -20.86 -33.42 14.31
CA ALA B 115 -20.96 -33.23 12.86
C ALA B 115 -20.34 -34.44 12.18
N ASN B 116 -19.19 -34.88 12.68
CA ASN B 116 -18.50 -36.04 12.12
C ASN B 116 -19.36 -37.32 12.13
N GLN B 117 -20.20 -37.48 13.15
CA GLN B 117 -21.06 -38.64 13.22
C GLN B 117 -22.06 -38.68 12.10
N VAL B 118 -22.39 -37.50 11.56
CA VAL B 118 -23.39 -37.43 10.52
C VAL B 118 -22.88 -37.43 9.08
N VAL B 119 -21.68 -36.89 8.84
CA VAL B 119 -21.09 -36.91 7.48
C VAL B 119 -19.75 -37.66 7.38
N GLY B 120 -19.27 -38.21 8.48
CA GLY B 120 -17.99 -38.91 8.52
C GLY B 120 -17.88 -40.25 7.80
N MET B 121 -16.72 -40.92 7.93
CA MET B 121 -16.46 -42.20 7.27
C MET B 121 -17.42 -43.34 7.59
N PRO B 122 -17.95 -43.39 8.81
CA PRO B 122 -18.86 -44.51 9.08
C PRO B 122 -20.19 -44.33 8.35
N VAL B 123 -20.55 -43.09 8.08
CA VAL B 123 -21.78 -42.77 7.35
C VAL B 123 -21.51 -43.03 5.87
N VAL B 124 -20.28 -42.81 5.43
CA VAL B 124 -19.91 -43.09 4.06
C VAL B 124 -20.10 -44.61 3.88
N ASP B 125 -19.77 -45.39 4.90
CA ASP B 125 -19.96 -46.84 4.83
C ASP B 125 -21.44 -47.17 4.77
N LYS B 126 -22.28 -46.40 5.44
CA LYS B 126 -23.71 -46.67 5.39
C LYS B 126 -24.18 -46.49 3.94
N LEU B 127 -23.69 -45.43 3.30
CA LEU B 127 -24.10 -45.06 1.96
C LEU B 127 -23.43 -45.74 0.76
N GLU B 128 -22.37 -46.49 1.03
CA GLU B 128 -21.58 -47.17 -0.01
C GLU B 128 -22.48 -47.67 -1.14
N ASN B 129 -23.38 -48.59 -0.83
CA ASN B 129 -24.30 -49.11 -1.82
C ASN B 129 -24.96 -48.03 -2.63
N ARG B 130 -25.63 -47.10 -1.94
CA ARG B 130 -26.34 -46.03 -2.60
C ARG B 130 -25.52 -45.14 -3.52
N ILE B 131 -24.34 -44.76 -3.06
CA ILE B 131 -23.49 -43.92 -3.86
C ILE B 131 -23.18 -44.64 -5.16
N GLN B 132 -22.77 -45.89 -5.01
CA GLN B 132 -22.43 -46.74 -6.14
C GLN B 132 -23.63 -46.94 -7.09
N GLU B 133 -24.80 -47.28 -6.56
CA GLU B 133 -25.98 -47.53 -7.42
C GLU B 133 -26.50 -46.31 -8.12
N LEU B 134 -26.47 -45.15 -7.47
CA LEU B 134 -26.97 -43.96 -8.12
C LEU B 134 -26.00 -43.56 -9.23
N ALA B 135 -24.70 -43.65 -8.94
CA ALA B 135 -23.71 -43.31 -9.95
C ALA B 135 -23.85 -44.22 -11.17
N CYS B 136 -23.93 -45.53 -10.96
CA CYS B 136 -24.06 -46.41 -12.12
C CYS B 136 -25.29 -46.14 -12.92
N SER B 137 -26.40 -45.87 -12.23
CA SER B 137 -27.69 -45.65 -12.88
C SER B 137 -27.82 -44.35 -13.64
N LEU B 138 -27.21 -43.33 -13.06
CA LEU B 138 -27.23 -42.03 -13.70
C LEU B 138 -26.39 -42.23 -14.97
N ILE B 139 -25.22 -42.80 -14.84
CA ILE B 139 -24.42 -42.95 -16.04
C ILE B 139 -24.98 -43.86 -17.14
N GLU B 140 -25.43 -45.04 -16.77
CA GLU B 140 -25.98 -45.95 -17.79
C GLU B 140 -27.13 -45.28 -18.53
N SER B 141 -27.84 -44.40 -17.84
CA SER B 141 -28.99 -43.73 -18.45
C SER B 141 -28.58 -42.77 -19.57
N LEU B 142 -27.41 -42.17 -19.39
CA LEU B 142 -26.86 -41.26 -20.37
C LEU B 142 -26.07 -42.02 -21.46
N ARG B 143 -25.33 -43.04 -21.09
CA ARG B 143 -24.52 -43.78 -22.07
C ARG B 143 -25.05 -43.87 -23.54
N PRO B 144 -26.26 -44.40 -23.76
CA PRO B 144 -26.74 -44.48 -25.14
C PRO B 144 -27.00 -43.17 -25.89
N GLN B 145 -27.20 -42.07 -25.16
CA GLN B 145 -27.46 -40.79 -25.79
C GLN B 145 -26.32 -40.17 -26.58
N GLY B 146 -25.09 -40.41 -26.17
CA GLY B 146 -23.97 -39.83 -26.87
C GLY B 146 -23.77 -38.36 -26.55
N GLN B 147 -24.45 -37.86 -25.52
CA GLN B 147 -24.35 -36.47 -25.06
C GLN B 147 -25.08 -36.18 -23.73
N CYS B 148 -24.79 -35.00 -23.16
CA CYS B 148 -25.36 -34.55 -21.89
C CYS B 148 -24.83 -33.19 -21.46
N ASN B 149 -25.55 -32.52 -20.55
CA ASN B 149 -25.02 -31.27 -19.98
C ASN B 149 -24.60 -31.80 -18.65
N PHE B 150 -23.34 -32.17 -18.57
CA PHE B 150 -22.81 -32.75 -17.39
C PHE B 150 -23.13 -32.04 -16.06
N THR B 151 -23.30 -30.71 -16.04
CA THR B 151 -23.59 -30.07 -14.75
C THR B 151 -24.99 -30.39 -14.25
N GLU B 152 -26.02 -30.27 -15.09
CA GLU B 152 -27.35 -30.61 -14.60
C GLU B 152 -27.71 -32.10 -14.73
N ASP B 153 -27.05 -32.81 -15.64
CA ASP B 153 -27.32 -34.25 -15.86
C ASP B 153 -26.64 -35.22 -14.88
N TYR B 154 -25.58 -34.76 -14.21
CA TYR B 154 -24.84 -35.64 -13.32
C TYR B 154 -24.17 -34.93 -12.14
N ALA B 155 -23.32 -33.95 -12.47
CA ALA B 155 -22.57 -33.20 -11.46
C ALA B 155 -23.47 -32.69 -10.32
N GLU B 156 -24.73 -32.50 -10.62
CA GLU B 156 -25.69 -32.01 -9.64
C GLU B 156 -26.55 -33.08 -8.94
N PRO B 157 -27.35 -33.81 -9.71
CA PRO B 157 -28.17 -34.79 -9.00
C PRO B 157 -27.45 -35.87 -8.25
N PHE B 158 -26.18 -36.11 -8.63
CA PHE B 158 -25.44 -37.21 -8.02
C PHE B 158 -25.08 -36.87 -6.59
N PRO B 159 -24.29 -35.82 -6.37
CA PRO B 159 -23.90 -35.44 -5.02
C PRO B 159 -25.14 -35.02 -4.23
N ILE B 160 -25.97 -34.19 -4.88
CA ILE B 160 -27.16 -33.68 -4.20
C ILE B 160 -28.23 -34.71 -3.84
N ARG B 161 -28.59 -35.61 -4.73
CA ARG B 161 -29.60 -36.56 -4.28
C ARG B 161 -29.13 -37.42 -3.12
N ILE B 162 -27.81 -37.66 -3.06
CA ILE B 162 -27.23 -38.49 -2.02
C ILE B 162 -27.26 -37.79 -0.73
N PHE B 163 -26.96 -36.51 -0.81
CA PHE B 163 -26.98 -35.73 0.39
C PHE B 163 -28.43 -35.59 0.87
N MET B 164 -29.37 -35.37 -0.05
CA MET B 164 -30.78 -35.21 0.34
C MET B 164 -31.27 -36.52 0.96
N LEU B 165 -30.84 -37.65 0.39
CA LEU B 165 -31.17 -38.95 0.98
C LEU B 165 -30.54 -39.04 2.40
N LEU B 166 -29.30 -38.62 2.55
CA LEU B 166 -28.69 -38.70 3.85
C LEU B 166 -29.41 -37.80 4.87
N ALA B 167 -29.85 -36.62 4.42
CA ALA B 167 -30.51 -35.65 5.29
C ALA B 167 -31.97 -35.96 5.45
N GLY B 168 -32.44 -36.88 4.64
CA GLY B 168 -33.85 -37.19 4.76
C GLY B 168 -34.73 -36.08 4.23
N LEU B 169 -34.26 -35.40 3.18
CA LEU B 169 -35.05 -34.31 2.59
C LEU B 169 -35.66 -34.68 1.23
N PRO B 170 -36.89 -34.23 0.97
CA PRO B 170 -37.55 -34.51 -0.30
C PRO B 170 -36.78 -33.85 -1.46
N GLU B 171 -36.62 -34.57 -2.57
CA GLU B 171 -35.84 -34.05 -3.70
C GLU B 171 -36.46 -32.83 -4.36
N GLU B 172 -37.75 -32.67 -4.16
CA GLU B 172 -38.48 -31.54 -4.70
C GLU B 172 -37.94 -30.23 -4.13
N ASP B 173 -37.23 -30.31 -3.02
CA ASP B 173 -36.70 -29.12 -2.33
C ASP B 173 -35.34 -28.72 -2.88
N ILE B 174 -34.81 -29.50 -3.79
CA ILE B 174 -33.49 -29.18 -4.32
C ILE B 174 -33.39 -27.82 -4.97
N PRO B 175 -34.27 -27.54 -5.94
CA PRO B 175 -34.17 -26.21 -6.59
C PRO B 175 -34.05 -25.03 -5.63
N HIS B 176 -34.90 -25.03 -4.62
CA HIS B 176 -34.88 -23.96 -3.64
C HIS B 176 -33.64 -23.97 -2.77
N LEU B 177 -33.21 -25.17 -2.35
CA LEU B 177 -32.05 -25.24 -1.49
C LEU B 177 -30.76 -24.93 -2.25
N LYS B 178 -30.62 -25.47 -3.45
CA LYS B 178 -29.46 -25.21 -4.26
C LYS B 178 -29.27 -23.70 -4.49
N TYR B 179 -30.37 -23.05 -4.83
CA TYR B 179 -30.38 -21.61 -5.06
C TYR B 179 -29.95 -20.81 -3.83
N LEU B 180 -30.47 -21.20 -2.67
CA LEU B 180 -30.10 -20.52 -1.43
C LEU B 180 -28.60 -20.71 -1.17
N THR B 181 -28.14 -21.91 -1.47
CA THR B 181 -26.75 -22.23 -1.25
C THR B 181 -25.83 -21.43 -2.15
N ASP B 182 -26.21 -21.34 -3.41
CA ASP B 182 -25.40 -20.63 -4.37
C ASP B 182 -25.20 -19.16 -4.05
N GLN B 183 -26.15 -18.56 -3.30
CA GLN B 183 -26.02 -17.14 -2.99
C GLN B 183 -24.90 -16.97 -1.98
N MET B 184 -24.73 -17.94 -1.10
CA MET B 184 -23.69 -17.85 -0.09
C MET B 184 -22.28 -18.06 -0.66
N THR B 185 -22.15 -18.60 -1.86
CA THR B 185 -20.81 -18.83 -2.39
C THR B 185 -20.46 -18.07 -3.66
N ARG B 186 -21.47 -17.85 -4.51
CA ARG B 186 -21.34 -17.14 -5.78
C ARG B 186 -22.60 -16.27 -6.00
N PRO B 187 -22.91 -15.34 -5.06
CA PRO B 187 -24.07 -14.43 -5.12
C PRO B 187 -24.31 -13.79 -6.49
N ASP B 188 -25.56 -13.80 -6.98
CA ASP B 188 -25.79 -13.14 -8.26
C ASP B 188 -26.32 -11.69 -8.11
N GLY B 189 -26.33 -11.18 -6.88
CA GLY B 189 -26.79 -9.82 -6.66
C GLY B 189 -28.16 -9.94 -6.03
N SER B 190 -28.91 -10.91 -6.53
CA SER B 190 -30.26 -11.25 -6.07
C SER B 190 -30.44 -10.99 -4.56
N MET B 191 -29.81 -11.81 -3.71
CA MET B 191 -29.93 -11.63 -2.27
C MET B 191 -28.59 -11.68 -1.51
N THR B 192 -28.57 -11.10 -0.31
CA THR B 192 -27.34 -11.08 0.51
C THR B 192 -27.06 -12.39 1.25
N PHE B 193 -25.84 -12.50 1.79
CA PHE B 193 -25.51 -13.70 2.51
C PHE B 193 -26.55 -13.87 3.64
N ALA B 194 -26.66 -12.87 4.50
CA ALA B 194 -27.60 -12.93 5.64
C ALA B 194 -29.01 -13.28 5.17
N GLU B 195 -29.39 -12.71 4.03
CA GLU B 195 -30.69 -12.97 3.46
C GLU B 195 -30.81 -14.47 3.15
N ALA B 196 -29.81 -15.04 2.46
CA ALA B 196 -29.81 -16.48 2.15
C ALA B 196 -29.67 -17.36 3.41
N LYS B 197 -28.82 -16.95 4.34
CA LYS B 197 -28.67 -17.76 5.54
C LYS B 197 -30.05 -17.87 6.23
N GLU B 198 -30.73 -16.75 6.39
CA GLU B 198 -32.01 -16.83 7.07
C GLU B 198 -33.10 -17.54 6.29
N ALA B 199 -33.03 -17.52 4.96
CA ALA B 199 -34.02 -18.27 4.18
C ALA B 199 -33.71 -19.78 4.40
N LEU B 200 -32.43 -20.10 4.62
CA LEU B 200 -32.05 -21.51 4.87
C LEU B 200 -32.43 -21.94 6.29
N TYR B 201 -32.30 -21.02 7.25
CA TYR B 201 -32.68 -21.36 8.59
C TYR B 201 -34.21 -21.51 8.66
N ASP B 202 -34.94 -20.60 7.98
CA ASP B 202 -36.40 -20.62 7.96
C ASP B 202 -36.90 -21.98 7.43
N TYR B 203 -36.13 -22.57 6.53
CA TYR B 203 -36.44 -23.88 5.97
C TYR B 203 -36.21 -24.95 7.03
N LEU B 204 -35.10 -24.82 7.74
CA LEU B 204 -34.76 -25.84 8.74
C LEU B 204 -35.54 -25.87 10.05
N ILE B 205 -35.79 -24.70 10.65
CA ILE B 205 -36.48 -24.60 11.95
C ILE B 205 -37.59 -25.65 12.19
N PRO B 206 -38.60 -25.69 11.32
CA PRO B 206 -39.73 -26.63 11.40
C PRO B 206 -39.37 -28.13 11.40
N ILE B 207 -38.41 -28.49 10.56
CA ILE B 207 -37.95 -29.86 10.42
C ILE B 207 -37.21 -30.27 11.67
N ILE B 208 -36.40 -29.35 12.18
CA ILE B 208 -35.64 -29.65 13.39
C ILE B 208 -36.56 -29.85 14.58
N GLU B 209 -37.63 -29.05 14.70
CA GLU B 209 -38.55 -29.23 15.84
C GLU B 209 -39.28 -30.57 15.74
N GLN B 210 -39.70 -30.96 14.53
CA GLN B 210 -40.42 -32.22 14.36
C GLN B 210 -39.47 -33.40 14.58
N ARG B 211 -38.20 -33.25 14.22
CA ARG B 211 -37.28 -34.35 14.40
C ARG B 211 -36.77 -34.55 15.84
N ARG B 212 -36.99 -33.54 16.68
CA ARG B 212 -36.60 -33.67 18.08
C ARG B 212 -37.75 -34.33 18.81
N GLN B 213 -38.95 -34.18 18.24
CA GLN B 213 -40.19 -34.76 18.81
C GLN B 213 -40.30 -36.24 18.53
N LYS B 214 -40.03 -36.57 17.27
CA LYS B 214 -40.07 -37.94 16.77
C LYS B 214 -38.75 -38.11 16.05
N PRO B 215 -37.72 -38.56 16.77
CA PRO B 215 -36.38 -38.77 16.22
C PRO B 215 -36.32 -39.80 15.12
N GLY B 216 -35.39 -39.63 14.21
CA GLY B 216 -35.30 -40.58 13.14
C GLY B 216 -33.90 -41.07 12.88
N THR B 217 -33.69 -41.47 11.65
CA THR B 217 -32.43 -42.02 11.19
C THR B 217 -31.54 -41.05 10.40
N ASP B 218 -32.15 -40.05 9.78
CA ASP B 218 -31.45 -39.05 8.94
C ASP B 218 -30.46 -38.11 9.64
N ALA B 219 -29.57 -37.53 8.86
CA ALA B 219 -28.58 -36.63 9.44
C ALA B 219 -29.13 -35.48 10.28
N ILE B 220 -30.30 -34.95 9.94
CA ILE B 220 -30.86 -33.87 10.73
C ILE B 220 -31.36 -34.32 12.07
N SER B 221 -31.94 -35.53 12.16
CA SER B 221 -32.44 -36.04 13.44
C SER B 221 -31.25 -36.26 14.31
N ILE B 222 -30.22 -36.81 13.71
CA ILE B 222 -29.03 -37.15 14.45
C ILE B 222 -28.34 -35.93 14.99
N VAL B 223 -28.47 -34.79 14.30
CA VAL B 223 -27.84 -33.57 14.82
C VAL B 223 -28.77 -33.00 15.89
N ALA B 224 -30.05 -32.84 15.56
CA ALA B 224 -31.00 -32.27 16.51
C ALA B 224 -31.14 -32.97 17.83
N ASN B 225 -31.04 -34.29 17.84
CA ASN B 225 -31.18 -35.02 19.09
C ASN B 225 -29.82 -35.43 19.64
N GLY B 226 -28.76 -34.74 19.23
CA GLY B 226 -27.44 -35.12 19.69
C GLY B 226 -26.89 -34.50 20.96
N GLN B 227 -25.68 -34.91 21.32
CA GLN B 227 -25.00 -34.40 22.49
C GLN B 227 -23.65 -33.80 22.09
N VAL B 228 -23.09 -32.93 22.93
CA VAL B 228 -21.80 -32.31 22.65
C VAL B 228 -21.10 -32.06 23.98
N ASN B 229 -20.05 -32.80 24.29
CA ASN B 229 -19.36 -32.62 25.59
C ASN B 229 -20.37 -33.24 26.56
N GLY B 230 -20.96 -34.35 26.17
CA GLY B 230 -21.93 -34.97 27.03
C GLY B 230 -23.13 -34.08 27.37
N ARG B 231 -23.37 -32.99 26.66
CA ARG B 231 -24.58 -32.22 27.00
C ARG B 231 -25.47 -31.93 25.75
N PRO B 232 -26.80 -31.92 25.92
CA PRO B 232 -27.78 -31.69 24.84
C PRO B 232 -27.62 -30.47 23.90
N ILE B 233 -27.36 -30.74 22.62
CA ILE B 233 -27.27 -29.63 21.64
C ILE B 233 -28.61 -28.83 21.70
N THR B 234 -28.59 -27.52 21.45
CA THR B 234 -29.85 -26.77 21.49
C THR B 234 -30.48 -26.74 20.09
N SER B 235 -31.74 -26.33 19.99
CA SER B 235 -32.39 -26.26 18.69
C SER B 235 -31.63 -25.28 17.80
N ASP B 236 -31.22 -24.17 18.40
CA ASP B 236 -30.48 -23.15 17.69
C ASP B 236 -29.11 -23.70 17.24
N GLU B 237 -28.43 -24.43 18.10
CA GLU B 237 -27.15 -24.99 17.71
C GLU B 237 -27.42 -25.91 16.49
N ALA B 238 -28.38 -26.84 16.64
CA ALA B 238 -28.76 -27.77 15.59
C ALA B 238 -28.97 -27.07 14.26
N LYS B 239 -29.66 -25.96 14.32
CA LYS B 239 -29.96 -25.19 13.12
C LYS B 239 -28.67 -24.65 12.52
N ARG B 240 -27.84 -24.05 13.36
CA ARG B 240 -26.59 -23.48 12.90
C ARG B 240 -25.66 -24.52 12.27
N MET B 241 -25.77 -25.77 12.71
CA MET B 241 -24.95 -26.85 12.15
C MET B 241 -25.62 -27.52 10.92
N CYS B 242 -26.93 -27.70 11.00
CA CYS B 242 -27.61 -28.33 9.88
C CYS B 242 -27.46 -27.49 8.64
N GLY B 243 -27.57 -26.18 8.81
CA GLY B 243 -27.46 -25.26 7.70
C GLY B 243 -26.10 -25.40 7.08
N LEU B 244 -25.06 -25.55 7.91
CA LEU B 244 -23.73 -25.69 7.37
C LEU B 244 -23.60 -26.99 6.59
N LEU B 245 -24.19 -28.06 7.11
CA LEU B 245 -24.08 -29.34 6.42
C LEU B 245 -24.65 -29.24 5.02
N LEU B 246 -25.80 -28.58 4.86
CA LEU B 246 -26.41 -28.43 3.54
C LEU B 246 -25.50 -27.66 2.61
N LEU B 247 -24.83 -26.66 3.15
CA LEU B 247 -23.95 -25.88 2.31
C LEU B 247 -22.84 -26.78 1.79
N GLY B 248 -22.37 -27.68 2.64
CA GLY B 248 -21.32 -28.56 2.21
C GLY B 248 -21.80 -29.66 1.30
N GLY B 249 -23.02 -30.15 1.55
CA GLY B 249 -23.50 -31.24 0.73
C GLY B 249 -23.88 -30.88 -0.69
N LEU B 250 -24.29 -29.64 -0.89
CA LEU B 250 -24.78 -29.19 -2.18
C LEU B 250 -23.91 -28.38 -3.13
N ASP B 251 -22.81 -27.83 -2.63
CA ASP B 251 -22.05 -26.92 -3.47
C ASP B 251 -20.57 -27.15 -3.62
N THR B 252 -20.08 -28.35 -3.41
CA THR B 252 -18.65 -28.49 -3.53
C THR B 252 -18.28 -29.62 -4.42
N VAL B 253 -18.70 -30.81 -4.01
CA VAL B 253 -18.47 -31.99 -4.80
C VAL B 253 -19.07 -31.66 -6.17
N VAL B 254 -20.28 -31.09 -6.19
CA VAL B 254 -20.92 -30.75 -7.45
C VAL B 254 -19.93 -30.03 -8.39
N ASN B 255 -19.50 -28.87 -7.98
CA ASN B 255 -18.60 -28.08 -8.77
C ASN B 255 -17.33 -28.77 -9.12
N PHE B 256 -16.73 -29.41 -8.11
CA PHE B 256 -15.46 -30.06 -8.33
C PHE B 256 -15.58 -31.12 -9.39
N LEU B 257 -16.73 -31.79 -9.42
CA LEU B 257 -16.94 -32.84 -10.37
C LEU B 257 -16.82 -32.31 -11.80
N SER B 258 -17.38 -31.13 -12.01
CA SER B 258 -17.33 -30.53 -13.32
C SER B 258 -15.94 -30.19 -13.75
N PHE B 259 -15.12 -29.68 -12.84
CA PHE B 259 -13.75 -29.31 -13.21
C PHE B 259 -12.96 -30.55 -13.63
N SER B 260 -13.21 -31.68 -12.96
CA SER B 260 -12.48 -32.92 -13.24
C SER B 260 -12.95 -33.49 -14.53
N MET B 261 -14.24 -33.40 -14.74
CA MET B 261 -14.80 -33.96 -15.95
C MET B 261 -14.49 -33.07 -17.16
N GLU B 262 -14.28 -31.77 -16.93
CA GLU B 262 -13.91 -30.91 -18.04
C GLU B 262 -12.49 -31.28 -18.45
N PHE B 263 -11.65 -31.45 -17.46
CA PHE B 263 -10.27 -31.82 -17.72
C PHE B 263 -10.14 -33.16 -18.41
N LEU B 264 -10.88 -34.17 -17.94
CA LEU B 264 -10.74 -35.47 -18.56
C LEU B 264 -11.29 -35.46 -19.95
N ALA B 265 -12.30 -34.62 -20.18
CA ALA B 265 -12.89 -34.53 -21.51
C ALA B 265 -11.90 -33.90 -22.51
N LYS B 266 -10.82 -33.29 -22.03
CA LYS B 266 -9.84 -32.67 -22.90
C LYS B 266 -8.50 -33.39 -23.00
N SER B 267 -8.35 -34.55 -22.34
CA SER B 267 -7.08 -35.32 -22.30
C SER B 267 -7.29 -36.81 -22.37
N PRO B 268 -7.22 -37.34 -23.59
CA PRO B 268 -7.40 -38.77 -23.88
C PRO B 268 -6.33 -39.58 -23.21
N GLU B 269 -5.15 -39.00 -23.12
CA GLU B 269 -4.02 -39.69 -22.53
C GLU B 269 -4.24 -39.91 -21.03
N HIS B 270 -4.89 -38.98 -20.35
CA HIS B 270 -5.13 -39.18 -18.94
C HIS B 270 -6.30 -40.14 -18.76
N ARG B 271 -7.21 -40.20 -19.72
CA ARG B 271 -8.32 -41.12 -19.53
C ARG B 271 -7.79 -42.54 -19.64
N GLN B 272 -7.02 -42.80 -20.68
CA GLN B 272 -6.45 -44.12 -20.92
C GLN B 272 -5.61 -44.52 -19.73
N GLU B 273 -4.87 -43.58 -19.19
CA GLU B 273 -4.07 -43.87 -18.03
C GLU B 273 -4.92 -44.59 -16.96
N LEU B 274 -6.12 -44.07 -16.68
CA LEU B 274 -7.00 -44.67 -15.67
C LEU B 274 -7.86 -45.83 -16.22
N ILE B 275 -8.11 -45.84 -17.52
CA ILE B 275 -8.87 -46.89 -18.13
C ILE B 275 -8.08 -48.19 -18.02
N GLU B 276 -6.78 -48.10 -18.34
CA GLU B 276 -5.89 -49.26 -18.30
C GLU B 276 -5.57 -49.65 -16.86
N ARG B 277 -5.51 -48.69 -15.93
CA ARG B 277 -5.20 -49.03 -14.54
C ARG B 277 -6.10 -48.36 -13.49
N PRO B 278 -7.30 -48.91 -13.29
CA PRO B 278 -8.27 -48.39 -12.33
C PRO B 278 -7.74 -48.28 -10.90
N GLU B 279 -6.72 -49.04 -10.56
CA GLU B 279 -6.25 -48.98 -9.18
C GLU B 279 -5.60 -47.63 -8.88
N ARG B 280 -5.28 -46.90 -9.94
CA ARG B 280 -4.63 -45.60 -9.79
C ARG B 280 -5.64 -44.48 -9.65
N ILE B 281 -6.92 -44.81 -9.65
CA ILE B 281 -7.89 -43.74 -9.55
C ILE B 281 -7.79 -42.92 -8.25
N PRO B 282 -7.64 -43.57 -7.06
CA PRO B 282 -7.52 -42.79 -5.83
C PRO B 282 -6.44 -41.73 -5.94
N ALA B 283 -5.26 -42.12 -6.39
CA ALA B 283 -4.19 -41.14 -6.51
C ALA B 283 -4.59 -40.07 -7.54
N ALA B 284 -5.15 -40.47 -8.69
CA ALA B 284 -5.51 -39.44 -9.69
C ALA B 284 -6.53 -38.46 -9.10
N CYS B 285 -7.39 -38.95 -8.23
CA CYS B 285 -8.39 -38.12 -7.59
C CYS B 285 -7.72 -37.05 -6.71
N GLU B 286 -6.71 -37.48 -5.97
CA GLU B 286 -6.00 -36.57 -5.12
C GLU B 286 -5.37 -35.44 -5.98
N GLU B 287 -4.64 -35.86 -7.02
CA GLU B 287 -3.98 -34.96 -7.94
C GLU B 287 -4.94 -33.95 -8.54
N LEU B 288 -6.10 -34.45 -8.98
CA LEU B 288 -7.17 -33.63 -9.55
C LEU B 288 -7.70 -32.69 -8.47
N LEU B 289 -7.76 -33.19 -7.25
CA LEU B 289 -8.18 -32.37 -6.13
C LEU B 289 -7.18 -31.22 -5.89
N ARG B 290 -5.90 -31.42 -6.18
CA ARG B 290 -4.94 -30.35 -6.01
C ARG B 290 -5.09 -29.33 -7.14
N ARG B 291 -5.05 -29.84 -8.38
CA ARG B 291 -5.11 -28.98 -9.53
C ARG B 291 -6.42 -28.22 -9.66
N PHE B 292 -7.51 -28.79 -9.19
CA PHE B 292 -8.78 -28.12 -9.33
C PHE B 292 -9.46 -27.74 -8.02
N SER B 293 -8.63 -27.32 -7.05
CA SER B 293 -9.10 -26.84 -5.75
C SER B 293 -10.08 -25.79 -6.14
N LEU B 294 -11.06 -25.54 -5.28
CA LEU B 294 -12.09 -24.59 -5.65
C LEU B 294 -12.66 -23.74 -4.53
N VAL B 295 -12.17 -23.97 -3.31
CA VAL B 295 -12.62 -23.25 -2.13
C VAL B 295 -11.60 -22.19 -1.63
N ALA B 296 -12.14 -21.08 -1.13
CA ALA B 296 -11.35 -19.98 -0.58
C ALA B 296 -12.17 -19.17 0.39
N ASP B 297 -12.00 -19.43 1.69
CA ASP B 297 -12.69 -18.61 2.67
C ASP B 297 -11.59 -18.02 3.53
N GLY B 298 -11.94 -17.38 4.65
CA GLY B 298 -10.87 -16.76 5.42
C GLY B 298 -10.94 -16.73 6.92
N ARG B 299 -10.27 -15.72 7.47
CA ARG B 299 -10.16 -15.55 8.92
C ARG B 299 -10.20 -14.08 9.26
N ILE B 300 -10.13 -13.75 10.55
CA ILE B 300 -10.15 -12.36 10.95
C ILE B 300 -9.21 -12.10 12.14
N LEU B 301 -8.33 -11.11 11.99
CA LEU B 301 -7.36 -10.74 13.03
C LEU B 301 -8.00 -10.39 14.36
N THR B 302 -7.65 -11.15 15.40
CA THR B 302 -8.15 -10.94 16.74
C THR B 302 -7.49 -9.74 17.40
N SER B 303 -6.33 -9.34 16.88
CA SER B 303 -5.57 -8.21 17.45
C SER B 303 -4.47 -7.76 16.49
N ASP B 304 -4.03 -6.50 16.55
CA ASP B 304 -2.93 -6.03 15.68
C ASP B 304 -1.89 -7.15 15.73
N TYR B 305 -1.25 -7.42 14.61
CA TYR B 305 -0.27 -8.51 14.58
C TYR B 305 0.59 -8.52 13.36
N GLU B 306 1.89 -8.38 13.53
CA GLU B 306 2.80 -8.37 12.40
C GLU B 306 2.98 -9.78 11.85
N PHE B 307 2.75 -9.91 10.54
CA PHE B 307 2.82 -11.19 9.86
C PHE B 307 3.69 -11.20 8.62
N HIS B 308 4.79 -11.94 8.67
CA HIS B 308 5.73 -12.03 7.56
C HIS B 308 6.19 -10.69 7.04
N GLY B 309 6.43 -9.76 7.97
CA GLY B 309 6.90 -8.45 7.57
C GLY B 309 5.80 -7.43 7.29
N VAL B 310 4.53 -7.85 7.31
CA VAL B 310 3.43 -6.91 7.06
C VAL B 310 2.70 -6.66 8.37
N GLN B 311 2.10 -5.49 8.50
CA GLN B 311 1.42 -5.24 9.74
C GLN B 311 -0.06 -5.31 9.49
N LEU B 312 -0.75 -6.19 10.22
CA LEU B 312 -2.18 -6.38 10.08
C LEU B 312 -2.88 -5.67 11.25
N LYS B 313 -4.01 -5.00 11.00
CA LYS B 313 -4.69 -4.32 12.10
C LYS B 313 -5.79 -5.22 12.64
N LYS B 314 -5.94 -5.24 13.96
CA LYS B 314 -6.98 -6.06 14.56
C LYS B 314 -8.30 -5.69 13.90
N GLY B 315 -9.00 -6.69 13.35
CA GLY B 315 -10.28 -6.48 12.69
C GLY B 315 -10.19 -6.68 11.19
N ASP B 316 -8.96 -6.60 10.70
CA ASP B 316 -8.72 -6.79 9.29
C ASP B 316 -9.11 -8.20 8.87
N GLN B 317 -9.72 -8.31 7.69
CA GLN B 317 -10.14 -9.60 7.14
C GLN B 317 -9.11 -10.13 6.17
N ILE B 318 -8.69 -11.37 6.36
CA ILE B 318 -7.71 -11.93 5.45
C ILE B 318 -8.24 -13.20 4.76
N LEU B 319 -8.13 -13.25 3.43
CA LEU B 319 -8.55 -14.40 2.66
C LEU B 319 -7.36 -15.31 2.58
N LEU B 320 -7.59 -16.60 2.84
CA LEU B 320 -6.51 -17.55 2.84
C LEU B 320 -6.98 -18.62 1.91
N PRO B 321 -6.84 -18.39 0.60
CA PRO B 321 -7.28 -19.32 -0.45
C PRO B 321 -6.76 -20.76 -0.39
N GLN B 322 -7.54 -21.64 0.24
CA GLN B 322 -7.20 -23.06 0.34
C GLN B 322 -6.75 -23.59 -1.03
N MET B 323 -7.39 -23.08 -2.07
CA MET B 323 -7.09 -23.44 -3.45
C MET B 323 -5.66 -23.08 -3.91
N LEU B 324 -5.02 -22.11 -3.25
CA LEU B 324 -3.69 -21.71 -3.73
C LEU B 324 -2.49 -22.53 -3.29
N SER B 325 -2.53 -23.06 -2.08
CA SER B 325 -1.42 -23.85 -1.55
C SER B 325 -0.92 -24.90 -2.54
N GLY B 326 -1.84 -25.63 -3.14
CA GLY B 326 -1.47 -26.67 -4.09
C GLY B 326 -1.08 -26.21 -5.48
N LEU B 327 -1.42 -24.99 -5.84
CA LEU B 327 -1.05 -24.50 -7.15
C LEU B 327 0.31 -23.79 -7.08
N ASP B 328 0.68 -23.36 -5.86
CA ASP B 328 1.95 -22.67 -5.56
C ASP B 328 3.13 -23.54 -6.08
N GLU B 329 3.89 -23.02 -7.07
CA GLU B 329 5.03 -23.78 -7.60
C GLU B 329 6.12 -23.98 -6.57
N ARG B 330 5.91 -23.47 -5.36
CA ARG B 330 6.86 -23.63 -4.28
C ARG B 330 6.54 -24.91 -3.47
N GLU B 331 5.34 -25.47 -3.68
CA GLU B 331 4.94 -26.70 -3.02
C GLU B 331 4.97 -27.85 -4.03
N ASN B 332 4.60 -27.56 -5.27
CA ASN B 332 4.57 -28.57 -6.33
C ASN B 332 5.19 -28.07 -7.62
N ALA B 333 6.23 -28.77 -8.07
CA ALA B 333 6.88 -28.41 -9.34
C ALA B 333 5.88 -28.48 -10.50
N ALA B 334 5.97 -27.52 -11.43
CA ALA B 334 5.03 -27.41 -12.58
C ALA B 334 3.64 -27.72 -12.05
N PRO B 335 3.08 -26.82 -11.24
CA PRO B 335 1.74 -27.00 -10.65
C PRO B 335 0.48 -26.96 -11.53
N MET B 336 0.57 -26.39 -12.71
CA MET B 336 -0.63 -26.31 -13.53
C MET B 336 -0.80 -27.51 -14.43
N HIS B 337 0.20 -28.40 -14.39
CA HIS B 337 0.21 -29.63 -15.18
C HIS B 337 -0.33 -30.81 -14.31
N VAL B 338 -1.23 -31.63 -14.86
CA VAL B 338 -1.77 -32.76 -14.10
C VAL B 338 -0.92 -34.02 -14.32
N ASP B 339 -0.49 -34.63 -13.23
CA ASP B 339 0.33 -35.82 -13.33
C ASP B 339 -0.14 -36.76 -12.20
N PHE B 340 -0.74 -37.88 -12.59
CA PHE B 340 -1.27 -38.85 -11.64
C PHE B 340 -0.22 -39.59 -10.84
N SER B 341 1.01 -39.56 -11.35
CA SER B 341 2.19 -40.18 -10.72
C SER B 341 2.88 -39.25 -9.73
N ARG B 342 2.52 -37.97 -9.74
CA ARG B 342 3.12 -36.99 -8.83
C ARG B 342 3.41 -37.59 -7.48
N GLN B 343 4.71 -37.56 -7.15
CA GLN B 343 5.29 -38.11 -5.92
C GLN B 343 4.68 -37.63 -4.62
N LYS B 344 4.62 -36.32 -4.44
CA LYS B 344 4.00 -35.78 -3.22
C LYS B 344 3.02 -34.69 -3.59
N VAL B 345 1.75 -35.07 -3.71
CA VAL B 345 0.74 -34.11 -4.07
C VAL B 345 0.48 -33.31 -2.79
N SER B 346 1.01 -32.09 -2.78
CA SER B 346 0.87 -31.23 -1.64
C SER B 346 -0.34 -30.31 -1.91
N HIS B 347 -1.26 -30.17 -0.95
CA HIS B 347 -2.43 -29.30 -1.13
C HIS B 347 -3.22 -29.04 0.17
N THR B 348 -4.15 -28.08 0.12
CA THR B 348 -5.02 -27.74 1.25
C THR B 348 -6.44 -27.56 0.70
N THR B 349 -6.77 -28.36 -0.32
CA THR B 349 -8.05 -28.33 -0.95
C THR B 349 -9.17 -28.50 0.07
N PHE B 350 -8.98 -29.44 0.99
CA PHE B 350 -10.01 -29.72 2.01
C PHE B 350 -9.80 -28.94 3.29
N GLY B 351 -8.98 -27.89 3.21
CA GLY B 351 -8.72 -27.09 4.39
C GLY B 351 -7.43 -27.48 5.10
N HIS B 352 -7.09 -26.74 6.14
CA HIS B 352 -5.87 -26.98 6.92
C HIS B 352 -6.09 -26.50 8.36
N GLY B 353 -5.43 -27.14 9.32
CA GLY B 353 -5.59 -26.73 10.69
C GLY B 353 -6.82 -27.38 11.29
N SER B 354 -7.35 -26.75 12.34
CA SER B 354 -8.51 -27.24 13.09
C SER B 354 -9.89 -27.38 12.40
N HIS B 355 -10.10 -26.71 11.26
CA HIS B 355 -11.39 -26.77 10.59
C HIS B 355 -11.40 -27.73 9.37
N LEU B 356 -10.38 -28.58 9.32
CA LEU B 356 -10.19 -29.58 8.28
C LEU B 356 -11.55 -30.18 7.86
N CYS B 357 -11.82 -30.24 6.55
CA CYS B 357 -13.10 -30.71 6.02
C CYS B 357 -13.63 -32.05 6.55
N LEU B 358 -14.79 -31.99 7.17
CA LEU B 358 -15.43 -33.19 7.73
C LEU B 358 -16.14 -34.02 6.62
N GLY B 359 -16.42 -33.40 5.47
CA GLY B 359 -17.11 -34.14 4.44
C GLY B 359 -16.16 -34.70 3.42
N GLN B 360 -14.88 -34.65 3.76
CA GLN B 360 -13.85 -35.10 2.82
C GLN B 360 -13.90 -36.54 2.40
N HIS B 361 -14.16 -37.43 3.33
CA HIS B 361 -14.22 -38.85 3.01
C HIS B 361 -15.40 -39.15 2.09
N LEU B 362 -16.48 -38.38 2.21
CA LEU B 362 -17.66 -38.56 1.35
C LEU B 362 -17.33 -37.96 0.00
N ALA B 363 -16.67 -36.81 0.01
CA ALA B 363 -16.30 -36.15 -1.25
C ALA B 363 -15.44 -37.07 -2.14
N ARG B 364 -14.41 -37.63 -1.53
CA ARG B 364 -13.47 -38.55 -2.19
C ARG B 364 -14.18 -39.81 -2.66
N ARG B 365 -15.09 -40.30 -1.85
CA ARG B 365 -15.81 -41.50 -2.24
C ARG B 365 -16.63 -41.13 -3.50
N GLU B 366 -17.21 -39.93 -3.52
CA GLU B 366 -18.01 -39.57 -4.66
C GLU B 366 -17.21 -39.30 -5.91
N ILE B 367 -16.03 -38.74 -5.74
CA ILE B 367 -15.19 -38.45 -6.88
C ILE B 367 -14.63 -39.76 -7.44
N ILE B 368 -14.13 -40.60 -6.55
CA ILE B 368 -13.54 -41.87 -7.00
C ILE B 368 -14.54 -42.81 -7.64
N VAL B 369 -15.76 -42.86 -7.13
CA VAL B 369 -16.76 -43.72 -7.73
C VAL B 369 -17.21 -43.16 -9.08
N THR B 370 -17.29 -41.83 -9.16
CA THR B 370 -17.73 -41.19 -10.38
C THR B 370 -16.71 -41.45 -11.48
N LEU B 371 -15.45 -41.41 -11.12
CA LEU B 371 -14.40 -41.63 -12.08
C LEU B 371 -14.41 -43.06 -12.57
N LYS B 372 -14.46 -44.02 -11.67
CA LYS B 372 -14.44 -45.40 -12.12
C LYS B 372 -15.68 -45.76 -12.91
N GLU B 373 -16.86 -45.40 -12.41
CA GLU B 373 -18.09 -45.76 -13.13
C GLU B 373 -18.27 -45.02 -14.46
N TRP B 374 -17.80 -43.79 -14.53
CA TRP B 374 -17.95 -43.08 -15.78
C TRP B 374 -17.01 -43.72 -16.81
N LEU B 375 -15.74 -43.87 -16.46
CA LEU B 375 -14.77 -44.45 -17.38
C LEU B 375 -15.05 -45.93 -17.82
N THR B 376 -15.68 -46.71 -16.97
CA THR B 376 -16.01 -48.06 -17.34
C THR B 376 -17.06 -48.05 -18.43
N ARG B 377 -18.00 -47.12 -18.35
CA ARG B 377 -19.06 -47.09 -19.36
C ARG B 377 -18.86 -46.14 -20.54
N ILE B 378 -18.13 -45.04 -20.34
CA ILE B 378 -17.93 -44.06 -21.41
C ILE B 378 -16.49 -43.63 -21.33
N PRO B 379 -15.56 -44.50 -21.74
CA PRO B 379 -14.14 -44.16 -21.70
C PRO B 379 -13.73 -43.07 -22.67
N ASP B 380 -14.44 -42.95 -23.78
CA ASP B 380 -14.10 -41.96 -24.78
C ASP B 380 -15.18 -40.93 -25.00
N PHE B 381 -14.88 -39.69 -24.58
CA PHE B 381 -15.81 -38.57 -24.73
C PHE B 381 -15.04 -37.24 -24.81
N SER B 382 -15.67 -36.22 -25.38
CA SER B 382 -15.03 -34.90 -25.47
C SER B 382 -16.03 -33.76 -25.28
N ILE B 383 -15.53 -32.52 -25.36
CA ILE B 383 -16.38 -31.35 -25.20
C ILE B 383 -17.18 -31.14 -26.48
N ALA B 384 -18.44 -30.77 -26.37
CA ALA B 384 -19.25 -30.53 -27.56
C ALA B 384 -18.42 -29.61 -28.46
N PRO B 385 -18.41 -29.89 -29.77
CA PRO B 385 -17.64 -29.04 -30.69
C PRO B 385 -18.13 -27.61 -30.59
N GLY B 386 -17.21 -26.66 -30.42
CA GLY B 386 -17.62 -25.27 -30.37
C GLY B 386 -17.77 -24.66 -28.99
N ALA B 387 -18.33 -25.42 -28.07
CA ALA B 387 -18.55 -24.90 -26.72
C ALA B 387 -17.32 -24.25 -26.15
N GLN B 388 -17.59 -23.30 -25.27
CA GLN B 388 -16.53 -22.61 -24.59
C GLN B 388 -16.97 -22.67 -23.15
N ILE B 389 -16.22 -23.41 -22.37
CA ILE B 389 -16.54 -23.59 -20.98
C ILE B 389 -16.26 -22.31 -20.18
N GLN B 390 -17.27 -21.81 -19.47
CA GLN B 390 -17.12 -20.61 -18.65
C GLN B 390 -17.15 -20.97 -17.15
N HIS B 391 -16.16 -20.49 -16.43
CA HIS B 391 -16.06 -20.72 -15.00
C HIS B 391 -16.64 -19.52 -14.17
N LYS B 392 -16.96 -19.77 -12.89
CA LYS B 392 -17.49 -18.73 -12.01
C LYS B 392 -16.59 -18.80 -10.80
N SER B 393 -16.45 -17.69 -10.08
CA SER B 393 -15.54 -17.61 -8.93
C SER B 393 -16.19 -17.01 -7.67
N GLY B 394 -15.79 -17.53 -6.51
CA GLY B 394 -16.37 -17.04 -5.26
C GLY B 394 -15.83 -17.81 -4.07
N ILE B 395 -16.60 -17.93 -2.98
CA ILE B 395 -16.10 -18.68 -1.85
C ILE B 395 -15.73 -20.08 -2.37
N VAL B 396 -16.57 -20.62 -3.23
CA VAL B 396 -16.36 -21.90 -3.85
C VAL B 396 -16.51 -21.55 -5.30
N SER B 397 -15.57 -21.98 -6.14
CA SER B 397 -15.65 -21.69 -7.56
C SER B 397 -16.39 -22.80 -8.30
N GLY B 398 -16.66 -22.59 -9.60
CA GLY B 398 -17.41 -23.57 -10.37
C GLY B 398 -17.43 -23.48 -11.89
N VAL B 399 -18.18 -24.40 -12.49
CA VAL B 399 -18.33 -24.48 -13.94
C VAL B 399 -19.80 -24.21 -14.28
N GLN B 400 -20.06 -23.21 -15.11
CA GLN B 400 -21.42 -22.81 -15.51
C GLN B 400 -22.16 -23.91 -16.25
N ALA B 401 -21.44 -24.62 -17.12
CA ALA B 401 -22.04 -25.68 -17.92
C ALA B 401 -20.97 -26.48 -18.67
N LEU B 402 -21.21 -27.76 -18.81
CA LEU B 402 -20.24 -28.55 -19.51
C LEU B 402 -20.92 -29.47 -20.51
N PRO B 403 -21.06 -29.06 -21.78
CA PRO B 403 -21.71 -30.03 -22.67
C PRO B 403 -20.68 -31.05 -23.14
N LEU B 404 -21.04 -32.32 -23.04
CA LEU B 404 -20.15 -33.36 -23.47
C LEU B 404 -20.83 -34.19 -24.55
N VAL B 405 -20.00 -34.82 -25.39
CA VAL B 405 -20.50 -35.70 -26.46
C VAL B 405 -19.58 -36.92 -26.61
N TRP B 406 -20.13 -37.98 -27.21
CA TRP B 406 -19.38 -39.22 -27.44
C TRP B 406 -20.19 -40.10 -28.38
N ASP B 407 -19.52 -41.11 -28.93
CA ASP B 407 -20.12 -42.07 -29.87
C ASP B 407 -20.63 -43.29 -29.10
N PRO B 408 -21.93 -43.52 -29.10
CA PRO B 408 -22.42 -44.67 -28.35
C PRO B 408 -21.68 -45.92 -28.73
N ALA B 409 -21.47 -46.10 -30.04
CA ALA B 409 -20.75 -47.28 -30.55
C ALA B 409 -19.48 -47.65 -29.74
N THR B 410 -18.96 -46.70 -28.97
CA THR B 410 -17.76 -46.95 -28.21
C THR B 410 -18.01 -47.05 -26.72
N THR B 411 -19.27 -47.14 -26.33
CA THR B 411 -19.55 -47.20 -24.90
C THR B 411 -19.68 -48.67 -24.50
N LYS B 412 -20.17 -48.95 -23.30
CA LYS B 412 -20.26 -50.33 -22.85
C LYS B 412 -21.21 -50.42 -21.69
N ALA B 413 -22.30 -51.16 -21.85
CA ALA B 413 -23.26 -51.34 -20.78
C ALA B 413 -22.68 -52.37 -19.80
N VAL B 414 -22.59 -51.99 -18.53
CA VAL B 414 -22.03 -52.85 -17.47
C VAL B 414 -23.11 -53.32 -16.49
#